data_3AE9
#
_entry.id   3AE9
#
_cell.length_a   72.609
_cell.length_b   84.249
_cell.length_c   295.646
_cell.angle_alpha   90.000
_cell.angle_beta   90.000
_cell.angle_gamma   90.000
#
_symmetry.space_group_name_H-M   'P 21 21 21'
#
loop_
_entity.id
_entity.type
_entity.pdbx_description
1 polymer 'Succinate dehydrogenase [ubiquinone] flavoprotein subunit, mitochondrial'
2 polymer 'Succinate dehydrogenase [ubiquinone] iron-sulfur subunit, mitochondrial'
3 polymer 'Succinate dehydrogenase cytochrome b560 subunit, mitochondrial'
4 polymer 'Succinate dehydrogenase [ubiquinone] cytochrome b small subunit, mitochondrial'
5 non-polymer 'FLAVIN-ADENINE DINUCLEOTIDE'
6 non-polymer 'MALONATE ION'
7 non-polymer 'FE2/S2 (INORGANIC) CLUSTER'
8 non-polymer 'IRON/SULFUR CLUSTER'
9 non-polymer 'FE3-S4 CLUSTER'
10 non-polymer 'PROTOPORPHYRIN IX CONTAINING FE'
11 non-polymer N-[3-(pentafluorophenoxy)phenyl]-2-(trifluoromethyl)benzamide
12 non-polymer L-ALPHA-PHOSPHATIDYL-BETA-OLEOYL-GAMMA-PALMITOYL-PHOSPHATIDYLETHANOLAMINE
#
loop_
_entity_poly.entity_id
_entity_poly.type
_entity_poly.pdbx_seq_one_letter_code
_entity_poly.pdbx_strand_id
1 'polypeptide(L)'
;SSAKVSDAISTQYPVVDHEFDAVVVGAGGAGLRAAFGLSEAGFNTACVTKLFPTRSHTVAAQGGINAALGNMEEDNWRWH
FYDTVKGSDWLGDQDAIHYMTEQAPASVVELENYGMPFSRTEDGKIYQRAFGGQSLKFGKGGQAHRCCCVADRTGHSLLH
TLYGRSLRYDTSYFVEYFALDLLMENGECRGVIALCIEDGSIHRIRARNTVVATGGYGRTYFSCTSAHTSTGDGTAMVTR
AGLPCQDLEFVQFHPTGIYGAGCLITEGCRGEGGILINSQGERFMERYAPVAKDLASRDVVSRSMTLEIREGRGCGPEKD
HVYLQLHHLPPEQLAVRLPGISETAMIFAGVDVTKEPIPVLPTVHYNMGGIPTNYKGQVLRHVNGQDQVVPGLYACGEAA
CASVHGANRLGANSLLDLVVFGRACALSIAESCRPGDKVPSIKPNAGEESVMNLDKLRFANGTIRTSELRLSMQKSMQSH
AAVFRVGSVLQEGCEKILRLYGDLQHLKTFDRGMVWNTDLVETLELQNLMLCALQTIYGAEARKESRGAHAREDFKERVD
EYDYSKPIQGQQKKPFQEHWRKHTLSYVDVKTGKVSLEYRPVIDKTLNEADCATVPPAIRSY
;
A
2 'polypeptide(L)'
;AQTAAATAPRIKKFAIYRWDPDKTGDKPHMQTYEIDLNNCGPMVLDALIKIKNEIDSTLTFRRSCREGICGSCAMNINGG
NTLACTRRIDTNLDKVSKIYPLPHMYVIKDLVPDLSNFYAQYKSIEPYLKKKDESQEGKQQYLQSIEEREKLDGLYECIL
CACCSTSCPSYWWNGDKYLGPAVLMQAYRWMIDSRDDFTEERLAKLQDPFSLYRCHTIMNCTGTCPKGLNPGKAIAEIKK
MMATYKEKKASA
;
B
3 'polypeptide(L)'
;LGTTAKEEMERFWNKNLGSNRPLSPHITIYRWSLPMAMSICHRGTGIALSAGVSLFGLSALLLPGNFESHLELVKSLCLG
PTLIYTAKFGIVFPLMYHTWNGIRHLIWDLGKGLTIPQLTQSGVVVLILTVLSSVGLAAM
;
C
4 'polypeptide(L)'
;ASSKAASLHWTGERVVSVLLLGLLPAAYLNPCSAMDYSLAAALTLHGHWGIGQVVTDYVRGDALQKAAKAGLLALSAFTF
AGLCYFNYHDVGICKAVAMLWKL
;
D
#
# COMPACT_ATOMS: atom_id res chain seq x y z
N SER A 10 22.28 16.57 23.46
CA SER A 10 23.06 17.31 24.49
C SER A 10 22.13 18.15 25.37
N THR A 11 21.57 17.50 26.40
CA THR A 11 20.61 18.12 27.34
C THR A 11 19.29 18.54 26.68
N GLN A 12 19.31 18.64 25.34
CA GLN A 12 18.15 19.06 24.55
C GLN A 12 17.25 17.86 24.22
N TYR A 13 17.86 16.77 23.77
CA TYR A 13 17.13 15.61 23.28
C TYR A 13 16.96 14.53 24.36
N PRO A 14 15.75 13.96 24.46
CA PRO A 14 15.49 12.86 25.39
C PRO A 14 15.94 11.52 24.80
N VAL A 15 16.85 10.85 25.51
CA VAL A 15 17.34 9.53 25.10
C VAL A 15 16.57 8.42 25.78
N VAL A 16 15.86 7.61 24.98
CA VAL A 16 15.07 6.50 25.50
C VAL A 16 15.68 5.18 25.04
N ASP A 17 16.27 4.46 25.99
CA ASP A 17 16.95 3.19 25.70
C ASP A 17 15.98 2.01 25.70
N HIS A 18 16.00 1.24 24.61
CA HIS A 18 15.22 0.01 24.51
C HIS A 18 16.15 -1.20 24.47
N GLU A 19 15.69 -2.33 24.99
CA GLU A 19 16.50 -3.55 25.05
C GLU A 19 15.79 -4.73 24.38
N PHE A 20 16.46 -5.36 23.43
CA PHE A 20 15.89 -6.48 22.67
C PHE A 20 16.91 -7.57 22.35
N ASP A 21 16.44 -8.65 21.73
CA ASP A 21 17.29 -9.77 21.30
C ASP A 21 17.79 -9.61 19.87
N ALA A 22 16.95 -9.07 18.99
CA ALA A 22 17.29 -8.86 17.59
C ALA A 22 16.54 -7.68 16.98
N VAL A 23 17.26 -6.81 16.27
CA VAL A 23 16.67 -5.64 15.63
C VAL A 23 16.76 -5.75 14.10
N VAL A 24 15.61 -5.60 13.44
CA VAL A 24 15.56 -5.63 11.98
C VAL A 24 15.24 -4.23 11.45
N VAL A 25 16.27 -3.55 10.94
CA VAL A 25 16.11 -2.21 10.37
C VAL A 25 15.64 -2.33 8.92
N GLY A 26 14.37 -2.01 8.70
CA GLY A 26 13.73 -2.15 7.39
C GLY A 26 12.59 -3.14 7.44
N ALA A 27 11.43 -2.70 6.97
CA ALA A 27 10.23 -3.54 6.98
C ALA A 27 9.66 -3.75 5.58
N GLY A 28 10.54 -4.08 4.64
CA GLY A 28 10.13 -4.41 3.28
C GLY A 28 9.75 -5.87 3.17
N GLY A 29 10.09 -6.49 2.04
CA GLY A 29 9.85 -7.92 1.84
C GLY A 29 10.84 -8.75 2.63
N ALA A 30 12.12 -8.40 2.51
CA ALA A 30 13.20 -9.06 3.22
C ALA A 30 13.13 -8.81 4.72
N GLY A 31 12.83 -7.56 5.08
CA GLY A 31 12.76 -7.14 6.48
C GLY A 31 11.69 -7.86 7.27
N LEU A 32 10.52 -8.06 6.67
CA LEU A 32 9.40 -8.76 7.31
C LEU A 32 9.68 -10.25 7.54
N ARG A 33 10.23 -10.92 6.53
CA ARG A 33 10.55 -12.35 6.62
C ARG A 33 11.58 -12.62 7.73
N ALA A 34 12.53 -11.70 7.88
CA ALA A 34 13.50 -11.76 8.97
C ALA A 34 12.85 -11.43 10.31
N ALA A 35 11.98 -10.42 10.32
CA ALA A 35 11.33 -9.95 11.53
C ALA A 35 10.44 -11.00 12.20
N PHE A 36 9.49 -11.54 11.44
CA PHE A 36 8.55 -12.52 11.98
C PHE A 36 9.17 -13.91 12.11
N GLY A 37 10.16 -14.21 11.27
CA GLY A 37 10.91 -15.46 11.34
C GLY A 37 11.73 -15.61 12.61
N LEU A 38 12.24 -14.49 13.10
CA LEU A 38 12.96 -14.44 14.37
C LEU A 38 12.05 -14.69 15.57
N SER A 39 10.87 -14.07 15.54
CA SER A 39 9.86 -14.27 16.59
C SER A 39 9.18 -15.62 16.47
N GLU A 40 9.26 -16.22 15.27
CA GLU A 40 8.79 -17.59 15.05
C GLU A 40 9.72 -18.58 15.75
N ALA A 41 11.01 -18.26 15.77
CA ALA A 41 12.01 -19.05 16.48
C ALA A 41 11.92 -18.82 17.99
N GLY A 42 11.49 -17.62 18.37
CA GLY A 42 11.27 -17.27 19.77
C GLY A 42 12.15 -16.15 20.29
N PHE A 43 12.47 -15.20 19.41
CA PHE A 43 13.31 -14.05 19.79
C PHE A 43 12.49 -12.79 20.05
N ASN A 44 12.93 -12.01 21.04
CA ASN A 44 12.36 -10.70 21.32
C ASN A 44 12.79 -9.71 20.23
N THR A 45 12.00 -9.64 19.17
CA THR A 45 12.39 -8.92 17.95
C THR A 45 11.74 -7.54 17.83
N ALA A 46 12.57 -6.54 17.58
CA ALA A 46 12.09 -5.17 17.35
C ALA A 46 12.36 -4.75 15.91
N CYS A 47 11.29 -4.37 15.20
CA CYS A 47 11.38 -3.96 13.81
C CYS A 47 11.31 -2.44 13.69
N VAL A 48 12.34 -1.85 13.09
CA VAL A 48 12.40 -0.41 12.88
C VAL A 48 12.13 -0.10 11.40
N THR A 49 11.28 0.89 11.16
CA THR A 49 10.90 1.28 9.79
C THR A 49 10.44 2.74 9.72
N LYS A 50 10.90 3.45 8.70
CA LYS A 50 10.52 4.85 8.50
C LYS A 50 9.18 5.00 7.78
N LEU A 51 8.77 3.93 7.09
CA LEU A 51 7.45 3.83 6.47
C LEU A 51 6.60 2.84 7.25
N PHE A 52 5.31 2.80 6.95
CA PHE A 52 4.46 1.72 7.41
C PHE A 52 4.77 0.49 6.53
N PRO A 53 4.93 -0.69 7.16
CA PRO A 53 5.29 -1.95 6.49
C PRO A 53 4.66 -2.19 5.11
N THR A 54 3.40 -1.79 4.93
CA THR A 54 2.70 -1.92 3.65
C THR A 54 3.23 -0.95 2.59
N ARG A 55 3.61 0.25 3.01
CA ARG A 55 4.04 1.32 2.10
C ARG A 55 5.43 1.05 1.51
N SER A 56 6.14 0.07 2.07
CA SER A 56 7.48 -0.32 1.61
C SER A 56 7.50 -0.59 0.11
N HIS A 57 8.63 -0.37 -0.54
CA HIS A 57 8.73 -0.41 -2.01
C HIS A 57 8.48 -1.75 -2.63
N THR A 58 8.34 -2.78 -1.82
CA THR A 58 8.00 -4.11 -2.31
C THR A 58 6.61 -4.23 -2.93
N VAL A 59 5.72 -3.29 -2.64
CA VAL A 59 4.39 -3.25 -3.25
C VAL A 59 4.43 -2.97 -4.75
N ALA A 60 5.46 -2.24 -5.17
CA ALA A 60 5.64 -1.86 -6.57
C ALA A 60 5.92 -3.06 -7.49
N ALA A 61 6.33 -4.17 -6.90
CA ALA A 61 6.68 -5.37 -7.65
C ALA A 61 5.50 -5.94 -8.42
N GLN A 62 5.72 -6.20 -9.71
CA GLN A 62 4.65 -6.54 -10.65
C GLN A 62 4.86 -7.85 -11.40
N GLY A 63 6.13 -8.20 -11.64
CA GLY A 63 6.49 -9.38 -12.43
C GLY A 63 6.13 -10.70 -11.77
N GLY A 64 6.98 -11.13 -10.85
CA GLY A 64 6.76 -12.39 -10.13
C GLY A 64 7.92 -12.80 -9.24
N ILE A 65 7.88 -14.06 -8.81
CA ILE A 65 8.86 -14.61 -7.89
C ILE A 65 9.26 -16.02 -8.37
N ASN A 66 10.52 -16.17 -8.75
CA ASN A 66 11.00 -17.40 -9.40
C ASN A 66 11.14 -18.61 -8.48
N ALA A 67 10.51 -19.71 -8.89
CA ALA A 67 10.60 -20.98 -8.19
C ALA A 67 10.52 -22.12 -9.20
N ALA A 68 11.35 -23.15 -8.99
CA ALA A 68 11.39 -24.29 -9.89
C ALA A 68 10.41 -25.40 -9.47
N LEU A 69 9.16 -25.01 -9.24
CA LEU A 69 8.11 -25.94 -8.82
C LEU A 69 7.75 -26.91 -9.94
N GLY A 70 7.87 -26.44 -11.19
CA GLY A 70 7.54 -27.24 -12.36
C GLY A 70 6.04 -27.38 -12.51
N ASN A 71 5.38 -26.26 -12.79
CA ASN A 71 3.93 -26.24 -12.92
C ASN A 71 3.44 -26.14 -14.36
N MET A 72 4.15 -25.38 -15.18
CA MET A 72 3.84 -25.27 -16.61
C MET A 72 4.41 -26.50 -17.34
N GLU A 73 5.74 -26.63 -17.29
CA GLU A 73 6.43 -27.83 -17.75
C GLU A 73 7.30 -28.35 -16.60
N GLU A 74 7.61 -29.63 -16.62
CA GLU A 74 8.43 -30.23 -15.54
C GLU A 74 9.82 -29.60 -15.46
N ASP A 75 10.20 -29.19 -14.25
CA ASP A 75 11.36 -28.32 -14.06
C ASP A 75 12.33 -28.85 -13.00
N ASN A 76 13.60 -28.50 -13.15
CA ASN A 76 14.64 -28.78 -12.18
C ASN A 76 15.28 -27.47 -11.71
N TRP A 77 15.53 -27.37 -10.41
CA TRP A 77 16.04 -26.13 -9.81
C TRP A 77 17.47 -25.77 -10.21
N ARG A 78 18.25 -26.78 -10.61
CA ARG A 78 19.64 -26.59 -10.99
C ARG A 78 19.79 -25.83 -12.30
N TRP A 79 18.74 -25.82 -13.11
CA TRP A 79 18.70 -25.01 -14.33
C TRP A 79 18.55 -23.53 -13.99
N HIS A 80 17.77 -23.27 -12.95
CA HIS A 80 17.58 -21.91 -12.42
C HIS A 80 18.86 -21.40 -11.76
N PHE A 81 19.67 -22.33 -11.26
CA PHE A 81 21.01 -22.01 -10.77
C PHE A 81 21.90 -21.50 -11.90
N TYR A 82 21.95 -22.28 -12.98
CA TYR A 82 22.77 -21.94 -14.16
C TYR A 82 22.37 -20.61 -14.79
N ASP A 83 21.07 -20.37 -14.88
CA ASP A 83 20.54 -19.14 -15.50
C ASP A 83 20.94 -17.89 -14.72
N THR A 84 20.92 -17.99 -13.40
CA THR A 84 21.26 -16.87 -12.53
C THR A 84 22.76 -16.53 -12.59
N VAL A 85 23.61 -17.57 -12.55
CA VAL A 85 25.06 -17.38 -12.61
C VAL A 85 25.52 -16.95 -14.00
N LYS A 86 24.82 -17.41 -15.04
CA LYS A 86 25.09 -16.96 -16.41
C LYS A 86 24.68 -15.49 -16.55
N GLY A 87 23.56 -15.14 -15.94
CA GLY A 87 23.07 -13.76 -15.92
C GLY A 87 23.95 -12.84 -15.09
N SER A 88 24.59 -13.39 -14.06
CA SER A 88 25.45 -12.63 -13.16
C SER A 88 26.77 -12.23 -13.81
N ASP A 89 26.98 -12.67 -15.06
CA ASP A 89 28.20 -12.41 -15.82
C ASP A 89 29.46 -12.88 -15.07
N TRP A 90 29.29 -13.98 -14.32
CA TRP A 90 30.34 -14.63 -13.52
C TRP A 90 31.02 -13.74 -12.48
N LEU A 91 30.24 -12.85 -11.87
CA LEU A 91 30.67 -12.09 -10.71
C LEU A 91 29.84 -12.53 -9.49
N GLY A 92 28.75 -13.25 -9.76
CA GLY A 92 27.89 -13.78 -8.71
C GLY A 92 28.55 -14.90 -7.91
N ASP A 93 28.46 -14.81 -6.59
CA ASP A 93 29.05 -15.80 -5.69
C ASP A 93 28.17 -17.06 -5.67
N GLN A 94 28.71 -18.15 -6.22
CA GLN A 94 27.94 -19.36 -6.50
C GLN A 94 27.48 -20.15 -5.26
N ASP A 95 28.04 -19.82 -4.09
CA ASP A 95 27.60 -20.43 -2.84
C ASP A 95 26.23 -19.88 -2.41
N ALA A 96 26.00 -18.60 -2.70
CA ALA A 96 24.73 -17.94 -2.41
C ALA A 96 23.66 -18.35 -3.41
N ILE A 97 24.04 -18.39 -4.69
CA ILE A 97 23.13 -18.77 -5.79
C ILE A 97 22.63 -20.21 -5.64
N HIS A 98 23.51 -21.08 -5.14
CA HIS A 98 23.14 -22.46 -4.82
C HIS A 98 22.01 -22.48 -3.79
N TYR A 99 22.22 -21.79 -2.68
CA TYR A 99 21.28 -21.77 -1.55
C TYR A 99 19.92 -21.18 -1.91
N MET A 100 19.94 -20.12 -2.73
CA MET A 100 18.73 -19.42 -3.13
C MET A 100 17.86 -20.27 -4.08
N THR A 101 18.50 -20.88 -5.07
CA THR A 101 17.79 -21.65 -6.09
C THR A 101 17.27 -23.00 -5.59
N GLU A 102 17.90 -23.53 -4.55
CA GLU A 102 17.46 -24.77 -3.92
C GLU A 102 16.30 -24.51 -2.96
N GLN A 103 16.34 -23.36 -2.28
CA GLN A 103 15.28 -22.95 -1.36
C GLN A 103 14.16 -22.21 -2.09
N ALA A 104 14.28 -22.12 -3.42
CA ALA A 104 13.31 -21.42 -4.25
C ALA A 104 11.90 -22.06 -4.25
N PRO A 105 11.81 -23.38 -4.48
CA PRO A 105 10.49 -24.01 -4.42
C PRO A 105 9.98 -24.17 -2.98
N ALA A 106 10.91 -24.16 -2.03
CA ALA A 106 10.59 -24.29 -0.61
C ALA A 106 9.99 -23.01 -0.02
N SER A 107 10.49 -21.86 -0.45
CA SER A 107 10.03 -20.56 0.07
C SER A 107 8.69 -20.13 -0.53
N VAL A 108 8.48 -20.41 -1.81
CA VAL A 108 7.23 -20.04 -2.49
C VAL A 108 6.05 -20.87 -1.99
N VAL A 109 6.28 -22.16 -1.78
CA VAL A 109 5.31 -23.04 -1.13
C VAL A 109 4.97 -22.51 0.27
N GLU A 110 5.99 -22.02 0.97
CA GLU A 110 5.85 -21.41 2.29
C GLU A 110 4.98 -20.15 2.25
N LEU A 111 5.15 -19.34 1.20
CA LEU A 111 4.38 -18.10 1.04
C LEU A 111 2.93 -18.35 0.64
N GLU A 112 2.73 -19.35 -0.22
CA GLU A 112 1.38 -19.74 -0.66
C GLU A 112 0.58 -20.30 0.51
N ASN A 113 1.27 -21.04 1.39
CA ASN A 113 0.65 -21.57 2.59
C ASN A 113 0.32 -20.51 3.64
N TYR A 114 1.00 -19.37 3.56
CA TYR A 114 0.76 -18.24 4.47
C TYR A 114 -0.50 -17.45 4.10
N GLY A 115 -0.84 -17.45 2.81
CA GLY A 115 -2.06 -16.81 2.34
C GLY A 115 -1.97 -16.02 1.05
N MET A 116 -0.84 -16.17 0.35
CA MET A 116 -0.62 -15.44 -0.91
C MET A 116 -1.52 -15.97 -2.02
N PRO A 117 -2.41 -15.11 -2.55
CA PRO A 117 -3.42 -15.51 -3.53
C PRO A 117 -2.85 -15.66 -4.94
N PHE A 118 -2.01 -16.68 -5.14
CA PHE A 118 -1.38 -16.94 -6.43
C PHE A 118 -2.40 -17.27 -7.53
N SER A 119 -2.09 -16.81 -8.75
CA SER A 119 -2.88 -17.14 -9.93
C SER A 119 -2.79 -18.64 -10.20
N ARG A 120 -3.82 -19.20 -10.83
CA ARG A 120 -3.93 -20.66 -10.95
C ARG A 120 -4.16 -21.16 -12.37
N THR A 121 -3.74 -22.40 -12.62
CA THR A 121 -3.98 -23.09 -13.89
C THR A 121 -5.12 -24.09 -13.79
N GLU A 122 -5.40 -24.80 -14.89
CA GLU A 122 -6.43 -25.83 -14.92
C GLU A 122 -6.11 -26.97 -13.95
N ASP A 123 -4.82 -27.15 -13.67
CA ASP A 123 -4.35 -28.13 -12.69
C ASP A 123 -4.60 -27.69 -11.25
N GLY A 124 -4.79 -26.38 -11.05
CA GLY A 124 -5.08 -25.82 -9.74
C GLY A 124 -3.83 -25.42 -8.97
N LYS A 125 -2.68 -25.50 -9.63
CA LYS A 125 -1.40 -25.15 -9.04
C LYS A 125 -1.04 -23.69 -9.32
N ILE A 126 0.04 -23.21 -8.72
CA ILE A 126 0.52 -21.84 -8.91
C ILE A 126 0.89 -21.58 -10.38
N TYR A 127 0.41 -20.46 -10.91
CA TYR A 127 0.68 -20.08 -12.29
C TYR A 127 2.09 -19.48 -12.44
N GLN A 128 2.93 -20.17 -13.20
CA GLN A 128 4.27 -19.69 -13.55
C GLN A 128 4.25 -19.08 -14.94
N ARG A 129 5.21 -18.20 -15.23
CA ARG A 129 5.26 -17.53 -16.53
C ARG A 129 6.69 -17.42 -17.09
N ALA A 130 6.78 -17.31 -18.41
CA ALA A 130 8.05 -17.05 -19.10
C ALA A 130 8.60 -15.70 -18.69
N PHE A 131 9.93 -15.62 -18.54
CA PHE A 131 10.59 -14.40 -18.10
C PHE A 131 11.98 -14.29 -18.71
N GLY A 132 12.50 -13.07 -18.77
CA GLY A 132 13.78 -12.80 -19.39
C GLY A 132 14.99 -13.33 -18.64
N GLY A 133 15.84 -14.06 -19.35
CA GLY A 133 17.08 -14.59 -18.79
C GLY A 133 17.07 -16.08 -18.49
N GLN A 134 15.88 -16.67 -18.43
CA GLN A 134 15.72 -18.06 -18.03
C GLN A 134 15.62 -19.03 -19.21
N SER A 135 16.14 -20.24 -19.00
CA SER A 135 16.18 -21.28 -20.03
C SER A 135 16.21 -22.68 -19.41
N LEU A 136 15.71 -23.67 -20.14
CA LEU A 136 15.69 -25.05 -19.70
C LEU A 136 16.94 -25.82 -20.17
N LYS A 137 17.24 -26.92 -19.48
CA LYS A 137 18.35 -27.83 -19.84
C LYS A 137 19.71 -27.13 -19.95
N PHE A 138 20.00 -26.25 -18.99
CA PHE A 138 21.26 -25.48 -18.94
C PHE A 138 21.50 -24.63 -20.18
N GLY A 139 20.47 -23.90 -20.60
CA GLY A 139 20.56 -23.00 -21.77
C GLY A 139 20.54 -23.71 -23.11
N LYS A 140 19.92 -24.89 -23.14
CA LYS A 140 19.84 -25.70 -24.35
C LYS A 140 18.40 -26.00 -24.76
N GLY A 141 17.53 -26.16 -23.77
CA GLY A 141 16.14 -26.60 -24.00
C GLY A 141 15.09 -25.51 -24.11
N GLY A 142 15.43 -24.43 -24.80
CA GLY A 142 14.47 -23.36 -25.10
C GLY A 142 14.14 -22.43 -23.94
N GLN A 143 12.88 -22.00 -23.90
CA GLN A 143 12.41 -21.02 -22.91
C GLN A 143 11.88 -21.69 -21.64
N ALA A 144 12.20 -21.09 -20.50
CA ALA A 144 11.77 -21.61 -19.20
C ALA A 144 10.58 -20.82 -18.63
N HIS A 145 9.63 -21.56 -18.04
CA HIS A 145 8.45 -20.97 -17.40
C HIS A 145 8.45 -21.31 -15.91
N ARG A 146 8.96 -20.41 -15.09
CA ARG A 146 9.03 -20.64 -13.65
C ARG A 146 8.83 -19.38 -12.78
N CYS A 147 8.13 -18.40 -13.34
CA CYS A 147 7.88 -17.14 -12.63
C CYS A 147 6.50 -17.11 -11.97
N CYS A 148 6.46 -17.43 -10.68
CA CYS A 148 5.22 -17.45 -9.90
C CYS A 148 4.70 -16.04 -9.65
N CYS A 149 3.41 -15.83 -9.91
CA CYS A 149 2.83 -14.47 -9.83
C CYS A 149 1.38 -14.43 -9.38
N VAL A 150 1.06 -13.38 -8.61
CA VAL A 150 -0.34 -13.02 -8.30
C VAL A 150 -0.89 -11.98 -9.25
N ALA A 151 -1.17 -12.42 -10.48
CA ALA A 151 -1.59 -11.52 -11.58
C ALA A 151 -0.39 -10.56 -11.64
N ASP A 152 -0.67 -9.26 -11.72
CA ASP A 152 0.37 -8.24 -11.73
C ASP A 152 0.65 -7.44 -10.46
N ARG A 153 -0.05 -7.77 -9.39
CA ARG A 153 0.20 -7.19 -8.08
C ARG A 153 0.82 -8.25 -7.17
N THR A 154 1.82 -8.94 -7.70
CA THR A 154 2.48 -10.05 -7.01
C THR A 154 3.31 -9.59 -5.81
N GLY A 155 4.08 -8.51 -5.99
CA GLY A 155 4.90 -7.96 -4.92
C GLY A 155 4.08 -7.26 -3.87
N HIS A 156 3.00 -6.60 -4.31
CA HIS A 156 2.04 -5.97 -3.41
C HIS A 156 1.38 -7.01 -2.51
N SER A 157 0.99 -8.13 -3.11
CA SER A 157 0.32 -9.20 -2.39
C SER A 157 1.30 -9.99 -1.51
N LEU A 158 2.57 -10.03 -1.92
CA LEU A 158 3.63 -10.65 -1.14
C LEU A 158 3.85 -9.91 0.18
N LEU A 159 3.91 -8.58 0.09
CA LEU A 159 4.15 -7.73 1.26
C LEU A 159 2.96 -7.73 2.21
N HIS A 160 1.77 -7.90 1.66
CA HIS A 160 0.54 -7.94 2.46
C HIS A 160 0.36 -9.26 3.21
N THR A 161 0.69 -10.37 2.55
CA THR A 161 0.55 -11.69 3.18
C THR A 161 1.72 -12.03 4.09
N LEU A 162 2.80 -11.24 3.99
CA LEU A 162 3.90 -11.30 4.94
C LEU A 162 3.59 -10.46 6.18
N TYR A 163 2.95 -9.31 5.95
CA TYR A 163 2.56 -8.43 7.04
C TYR A 163 1.46 -9.05 7.90
N GLY A 164 0.39 -9.49 7.24
CA GLY A 164 -0.73 -10.14 7.93
C GLY A 164 -0.28 -11.30 8.80
N ARG A 165 0.67 -12.08 8.29
CA ARG A 165 1.21 -13.23 9.00
C ARG A 165 2.13 -12.81 10.15
N SER A 166 2.68 -11.60 10.06
CA SER A 166 3.61 -11.10 11.09
C SER A 166 2.90 -10.60 12.35
N LEU A 167 1.58 -10.42 12.26
CA LEU A 167 0.77 -10.04 13.43
C LEU A 167 0.46 -11.25 14.32
N ARG A 168 0.82 -12.44 13.85
CA ARG A 168 0.59 -13.68 14.58
C ARG A 168 1.62 -13.85 15.70
N TYR A 169 2.70 -13.06 15.65
CA TYR A 169 3.76 -13.14 16.64
C TYR A 169 3.98 -11.81 17.36
N ASP A 170 4.57 -11.88 18.55
CA ASP A 170 4.74 -10.71 19.42
C ASP A 170 5.92 -9.80 19.01
N THR A 171 6.01 -9.49 17.73
CA THR A 171 7.02 -8.59 17.21
C THR A 171 6.63 -7.14 17.51
N SER A 172 7.56 -6.39 18.11
CA SER A 172 7.36 -4.97 18.38
C SER A 172 7.71 -4.17 17.13
N TYR A 173 6.85 -3.22 16.78
CA TYR A 173 7.05 -2.40 15.58
C TYR A 173 7.25 -0.93 15.90
N PHE A 174 8.29 -0.35 15.32
CA PHE A 174 8.59 1.07 15.47
C PHE A 174 8.22 1.78 14.17
N VAL A 175 6.91 1.94 13.97
CA VAL A 175 6.38 2.51 12.72
C VAL A 175 6.70 3.99 12.61
N GLU A 176 7.26 4.37 11.46
CA GLU A 176 7.71 5.75 11.18
C GLU A 176 8.82 6.21 12.14
N TYR A 177 9.86 5.39 12.22
CA TYR A 177 11.07 5.68 12.98
C TYR A 177 12.26 5.65 12.03
N PHE A 178 12.86 6.81 11.82
CA PHE A 178 14.02 6.93 10.92
C PHE A 178 15.30 6.51 11.63
N ALA A 179 15.89 5.41 11.16
CA ALA A 179 17.14 4.91 11.72
C ALA A 179 18.31 5.77 11.25
N LEU A 180 19.02 6.36 12.19
CA LEU A 180 20.12 7.28 11.90
C LEU A 180 21.43 6.54 11.63
N ASP A 181 21.97 5.90 12.66
CA ASP A 181 23.27 5.24 12.59
C ASP A 181 23.31 3.94 13.38
N LEU A 182 24.32 3.12 13.10
CA LEU A 182 24.54 1.86 13.82
C LEU A 182 25.24 2.11 15.16
N LEU A 183 24.77 1.43 16.20
CA LEU A 183 25.46 1.43 17.48
C LEU A 183 26.61 0.42 17.40
N MET A 184 27.83 0.95 17.31
CA MET A 184 29.01 0.14 17.10
C MET A 184 30.05 0.39 18.19
N GLU A 185 30.64 -0.69 18.69
CA GLU A 185 31.72 -0.60 19.68
C GLU A 185 32.77 -1.67 19.44
N ASN A 186 34.00 -1.22 19.19
CA ASN A 186 35.16 -2.10 18.96
C ASN A 186 34.94 -3.18 17.91
N GLY A 187 34.41 -2.76 16.76
CA GLY A 187 34.15 -3.68 15.64
C GLY A 187 33.08 -4.72 15.94
N GLU A 188 32.09 -4.34 16.76
CA GLU A 188 30.97 -5.22 17.11
C GLU A 188 29.66 -4.45 17.10
N CYS A 189 28.65 -5.02 16.44
CA CYS A 189 27.34 -4.37 16.33
C CYS A 189 26.52 -4.54 17.59
N ARG A 190 25.97 -3.43 18.07
CA ARG A 190 25.21 -3.41 19.32
C ARG A 190 23.76 -3.02 19.14
N GLY A 191 23.44 -2.41 17.98
CA GLY A 191 22.09 -1.99 17.67
C GLY A 191 22.05 -0.77 16.76
N VAL A 192 21.02 0.06 16.93
CA VAL A 192 20.86 1.28 16.14
C VAL A 192 20.35 2.47 16.96
N ILE A 193 20.77 3.67 16.56
CA ILE A 193 20.23 4.90 17.10
C ILE A 193 19.23 5.48 16.08
N ALA A 194 18.01 5.76 16.53
CA ALA A 194 16.93 6.13 15.63
C ALA A 194 16.14 7.35 16.08
N LEU A 195 15.77 8.19 15.12
CA LEU A 195 14.92 9.35 15.36
C LEU A 195 13.46 8.98 15.13
N CYS A 196 12.62 9.32 16.10
CA CYS A 196 11.18 9.15 15.99
C CYS A 196 10.56 10.39 15.34
N ILE A 197 10.15 10.25 14.08
CA ILE A 197 9.55 11.34 13.32
C ILE A 197 8.25 11.82 13.98
N GLU A 198 7.58 10.91 14.68
CA GLU A 198 6.27 11.13 15.28
C GLU A 198 6.24 12.22 16.36
N ASP A 199 7.35 12.38 17.08
CA ASP A 199 7.43 13.39 18.15
C ASP A 199 8.76 14.15 18.19
N GLY A 200 9.83 13.54 17.68
CA GLY A 200 11.14 14.19 17.60
C GLY A 200 12.19 13.63 18.54
N SER A 201 11.82 12.62 19.33
CA SER A 201 12.72 12.00 20.29
C SER A 201 13.74 11.08 19.63
N ILE A 202 14.79 10.72 20.38
CA ILE A 202 15.87 9.87 19.89
C ILE A 202 15.97 8.60 20.75
N HIS A 203 15.96 7.46 20.06
CA HIS A 203 15.92 6.15 20.74
C HIS A 203 17.11 5.27 20.37
N ARG A 204 17.74 4.72 21.40
CA ARG A 204 18.85 3.79 21.23
C ARG A 204 18.36 2.36 21.48
N ILE A 205 18.28 1.58 20.42
CA ILE A 205 17.71 0.24 20.46
C ILE A 205 18.81 -0.81 20.38
N ARG A 206 19.29 -1.24 21.55
CA ARG A 206 20.39 -2.22 21.62
C ARG A 206 19.91 -3.67 21.59
N ALA A 207 20.59 -4.49 20.78
CA ALA A 207 20.30 -5.92 20.67
C ALA A 207 21.56 -6.71 20.31
N ARG A 208 21.53 -8.01 20.59
CA ARG A 208 22.66 -8.90 20.33
C ARG A 208 22.93 -9.07 18.83
N ASN A 209 21.87 -9.00 18.03
CA ASN A 209 21.96 -9.08 16.58
C ASN A 209 21.21 -7.94 15.89
N THR A 210 21.67 -7.56 14.70
CA THR A 210 21.04 -6.47 13.94
C THR A 210 20.99 -6.81 12.44
N VAL A 211 19.79 -6.75 11.88
CA VAL A 211 19.58 -7.00 10.45
C VAL A 211 19.33 -5.69 9.72
N VAL A 212 20.13 -5.42 8.69
CA VAL A 212 19.96 -4.22 7.86
C VAL A 212 19.32 -4.61 6.52
N ALA A 213 18.09 -4.15 6.30
CA ALA A 213 17.34 -4.43 5.07
C ALA A 213 16.60 -3.18 4.60
N THR A 214 17.37 -2.17 4.21
CA THR A 214 16.83 -0.84 3.91
C THR A 214 16.50 -0.61 2.43
N GLY A 215 16.81 -1.60 1.60
CA GLY A 215 16.54 -1.50 0.17
C GLY A 215 17.55 -0.64 -0.59
N GLY A 216 17.28 -0.45 -1.89
CA GLY A 216 18.21 0.22 -2.78
C GLY A 216 18.28 1.73 -2.65
N TYR A 217 19.15 2.34 -3.45
CA TYR A 217 19.38 3.78 -3.42
C TYR A 217 19.07 4.43 -4.78
N GLY A 218 17.94 4.05 -5.37
CA GLY A 218 17.54 4.53 -6.69
C GLY A 218 17.40 6.04 -6.83
N ARG A 219 17.18 6.72 -5.72
CA ARG A 219 16.99 8.18 -5.70
C ARG A 219 18.28 8.98 -5.98
N THR A 220 19.41 8.29 -6.07
CA THR A 220 20.69 8.93 -6.43
C THR A 220 20.67 9.52 -7.83
N TYR A 221 19.87 8.91 -8.71
CA TYR A 221 19.74 9.35 -10.09
C TYR A 221 18.51 10.23 -10.29
N PHE A 222 18.44 10.90 -11.44
CA PHE A 222 17.31 11.76 -11.78
C PHE A 222 16.10 10.97 -12.26
N SER A 223 16.35 9.92 -13.04
CA SER A 223 15.28 9.09 -13.58
C SER A 223 15.38 7.65 -13.08
N CYS A 224 14.39 7.24 -12.30
CA CYS A 224 14.35 5.90 -11.70
C CYS A 224 12.92 5.40 -11.49
N THR A 225 12.78 4.08 -11.33
CA THR A 225 11.47 3.47 -11.08
C THR A 225 11.21 3.29 -9.58
N SER A 226 12.23 3.53 -8.78
CA SER A 226 12.14 3.37 -7.33
C SER A 226 11.38 4.52 -6.66
N ALA A 227 10.92 4.27 -5.44
CA ALA A 227 10.11 5.21 -4.67
C ALA A 227 10.93 6.40 -4.15
N HIS A 228 10.24 7.42 -3.64
CA HIS A 228 10.88 8.60 -3.05
C HIS A 228 11.60 8.28 -1.75
N THR A 229 11.30 7.11 -1.17
CA THR A 229 11.90 6.68 0.09
C THR A 229 13.11 5.76 -0.13
N SER A 230 13.22 5.17 -1.32
CA SER A 230 14.33 4.29 -1.67
C SER A 230 15.62 5.10 -1.87
N THR A 231 16.19 5.55 -0.76
CA THR A 231 17.39 6.38 -0.77
C THR A 231 18.65 5.61 -0.35
N GLY A 232 18.46 4.38 0.12
CA GLY A 232 19.55 3.52 0.56
C GLY A 232 20.34 4.12 1.70
N ASP A 233 19.78 4.03 2.90
CA ASP A 233 20.38 4.65 4.08
C ASP A 233 21.18 3.68 4.93
N GLY A 234 20.76 2.42 4.98
CA GLY A 234 21.50 1.36 5.67
C GLY A 234 22.87 1.15 5.05
N THR A 235 22.95 1.35 3.74
CA THR A 235 24.21 1.29 2.99
C THR A 235 25.17 2.37 3.49
N ALA A 236 24.64 3.56 3.78
CA ALA A 236 25.43 4.67 4.32
C ALA A 236 25.75 4.48 5.80
N MET A 237 24.84 3.84 6.53
CA MET A 237 25.04 3.51 7.95
C MET A 237 26.22 2.56 8.12
N VAL A 238 26.32 1.60 7.21
CA VAL A 238 27.45 0.68 7.13
C VAL A 238 28.72 1.45 6.74
N THR A 239 28.58 2.37 5.79
CA THR A 239 29.68 3.20 5.31
C THR A 239 30.29 4.07 6.42
N ARG A 240 29.43 4.69 7.22
CA ARG A 240 29.86 5.58 8.31
C ARG A 240 30.53 4.84 9.47
N ALA A 241 30.42 3.51 9.47
CA ALA A 241 31.06 2.66 10.48
C ALA A 241 32.46 2.21 10.04
N GLY A 242 32.87 2.65 8.86
CA GLY A 242 34.17 2.29 8.31
C GLY A 242 34.19 0.92 7.66
N LEU A 243 33.00 0.39 7.41
CA LEU A 243 32.84 -0.92 6.78
C LEU A 243 32.71 -0.77 5.26
N PRO A 244 33.18 -1.78 4.50
CA PRO A 244 33.18 -1.64 3.05
C PRO A 244 31.82 -1.87 2.42
N CYS A 245 31.66 -1.41 1.18
CA CYS A 245 30.46 -1.67 0.38
C CYS A 245 30.83 -2.26 -0.98
N GLN A 246 30.10 -3.30 -1.36
CA GLN A 246 30.44 -4.11 -2.52
C GLN A 246 29.69 -3.70 -3.78
N ASP A 247 30.41 -3.71 -4.91
CA ASP A 247 29.84 -3.58 -6.25
C ASP A 247 28.82 -2.46 -6.46
N LEU A 248 29.07 -1.29 -5.88
CA LEU A 248 28.11 -0.19 -5.94
C LEU A 248 28.02 0.49 -7.31
N GLU A 249 28.97 0.20 -8.19
CA GLU A 249 28.96 0.72 -9.55
C GLU A 249 27.93 0.01 -10.44
N PHE A 250 27.59 -1.22 -10.07
CA PHE A 250 26.64 -2.04 -10.83
C PHE A 250 25.20 -1.60 -10.55
N VAL A 251 24.68 -0.76 -11.46
CA VAL A 251 23.32 -0.25 -11.37
C VAL A 251 22.52 -0.78 -12.57
N GLN A 252 21.44 -1.51 -12.28
CA GLN A 252 20.65 -2.12 -13.33
C GLN A 252 19.67 -1.13 -13.96
N PHE A 253 19.79 -0.96 -15.27
CA PHE A 253 18.86 -0.13 -16.04
C PHE A 253 17.77 -1.01 -16.64
N HIS A 254 16.58 -0.96 -16.04
CA HIS A 254 15.43 -1.71 -16.54
C HIS A 254 14.91 -1.08 -17.83
N PRO A 255 14.86 -1.86 -18.93
CA PRO A 255 14.52 -1.39 -20.27
C PRO A 255 13.14 -0.76 -20.39
N THR A 256 12.13 -1.35 -19.73
CA THR A 256 10.74 -0.96 -19.93
C THR A 256 10.17 -0.10 -18.79
N GLY A 257 10.46 1.20 -18.85
CA GLY A 257 9.92 2.16 -17.90
C GLY A 257 9.32 3.36 -18.62
N ILE A 258 8.13 3.78 -18.18
CA ILE A 258 7.39 4.87 -18.84
C ILE A 258 8.21 6.16 -18.95
N TYR A 259 8.20 6.75 -20.15
CA TYR A 259 8.95 7.96 -20.47
C TYR A 259 8.56 9.16 -19.61
N GLY A 260 7.29 9.22 -19.20
CA GLY A 260 6.75 10.35 -18.44
C GLY A 260 7.31 10.51 -17.04
N ALA A 261 6.64 9.89 -16.07
CA ALA A 261 6.99 10.02 -14.65
C ALA A 261 8.17 9.12 -14.24
N GLY A 262 8.55 8.20 -15.11
CA GLY A 262 9.62 7.25 -14.82
C GLY A 262 9.11 6.02 -14.10
N CYS A 263 7.80 5.78 -14.19
CA CYS A 263 7.17 4.62 -13.58
C CYS A 263 7.53 3.33 -14.32
N LEU A 264 7.25 2.20 -13.69
CA LEU A 264 7.62 0.90 -14.26
C LEU A 264 6.43 0.10 -14.76
N ILE A 265 6.58 -0.46 -15.95
CA ILE A 265 5.70 -1.52 -16.43
C ILE A 265 6.49 -2.82 -16.53
N THR A 266 5.91 -3.90 -16.03
CA THR A 266 6.60 -5.18 -15.80
C THR A 266 7.28 -5.80 -17.02
N GLU A 267 8.28 -6.65 -16.75
CA GLU A 267 8.88 -7.52 -17.77
C GLU A 267 7.91 -8.62 -18.16
N GLY A 268 6.87 -8.81 -17.35
CA GLY A 268 5.77 -9.72 -17.64
C GLY A 268 5.04 -9.36 -18.92
N CYS A 269 5.14 -8.08 -19.32
CA CYS A 269 4.63 -7.62 -20.61
C CYS A 269 5.38 -8.31 -21.75
N ARG A 270 6.70 -8.38 -21.61
CA ARG A 270 7.57 -9.08 -22.57
C ARG A 270 7.46 -10.59 -22.44
N GLY A 271 7.16 -11.06 -21.23
CA GLY A 271 7.05 -12.48 -20.93
C GLY A 271 5.86 -13.18 -21.55
N GLU A 272 4.74 -12.46 -21.64
CA GLU A 272 3.51 -13.00 -22.24
C GLU A 272 3.58 -13.04 -23.77
N GLY A 273 4.37 -12.13 -24.35
CA GLY A 273 4.54 -12.06 -25.79
C GLY A 273 4.64 -10.64 -26.31
N GLY A 274 5.10 -9.72 -25.46
CA GLY A 274 5.25 -8.32 -25.81
C GLY A 274 6.49 -8.07 -26.64
N ILE A 275 6.37 -7.16 -27.62
CA ILE A 275 7.45 -6.86 -28.56
C ILE A 275 7.84 -5.39 -28.47
N LEU A 276 9.13 -5.12 -28.62
CA LEU A 276 9.66 -3.75 -28.64
C LEU A 276 9.85 -3.25 -30.06
N ILE A 277 9.23 -2.11 -30.37
CA ILE A 277 9.19 -1.57 -31.74
C ILE A 277 9.81 -0.17 -31.83
N ASN A 278 10.71 0.01 -32.80
CA ASN A 278 11.31 1.31 -33.08
C ASN A 278 10.59 2.04 -34.24
N SER A 279 11.09 3.22 -34.59
CA SER A 279 10.46 4.06 -35.63
C SER A 279 10.39 3.41 -37.02
N GLN A 280 11.27 2.46 -37.27
CA GLN A 280 11.31 1.75 -38.55
C GLN A 280 10.16 0.74 -38.69
N GLY A 281 9.70 0.22 -37.55
CA GLY A 281 8.64 -0.78 -37.52
C GLY A 281 9.17 -2.20 -37.36
N GLU A 282 10.48 -2.35 -37.50
CA GLU A 282 11.16 -3.63 -37.38
C GLU A 282 11.22 -4.11 -35.93
N ARG A 283 11.14 -5.42 -35.74
CA ARG A 283 11.41 -6.05 -34.45
C ARG A 283 12.92 -5.96 -34.21
N PHE A 284 13.34 -4.88 -33.56
CA PHE A 284 14.77 -4.55 -33.44
C PHE A 284 15.54 -5.41 -32.45
N MET A 285 14.82 -6.19 -31.63
CA MET A 285 15.46 -7.07 -30.65
C MET A 285 15.87 -8.43 -31.22
N GLU A 286 15.44 -8.71 -32.45
CA GLU A 286 15.87 -9.90 -33.17
C GLU A 286 17.19 -9.61 -33.89
N ARG A 287 17.45 -8.32 -34.11
CA ARG A 287 18.68 -7.83 -34.74
C ARG A 287 19.90 -8.05 -33.85
N TYR A 288 19.73 -7.84 -32.54
CA TYR A 288 20.80 -7.99 -31.57
C TYR A 288 20.85 -9.41 -30.99
N ALA A 289 19.77 -9.82 -30.32
CA ALA A 289 19.67 -11.14 -29.72
C ALA A 289 18.91 -12.11 -30.63
N PRO A 290 19.57 -13.21 -31.05
CA PRO A 290 18.96 -14.16 -31.98
C PRO A 290 18.04 -15.19 -31.30
N VAL A 291 18.57 -15.89 -30.30
CA VAL A 291 17.84 -17.00 -29.66
C VAL A 291 16.78 -16.51 -28.67
N ALA A 292 17.16 -15.60 -27.78
CA ALA A 292 16.27 -15.12 -26.72
C ALA A 292 15.42 -13.92 -27.14
N LYS A 293 15.93 -13.13 -28.08
CA LYS A 293 15.25 -11.94 -28.62
C LYS A 293 14.98 -10.87 -27.55
N ASP A 294 13.75 -10.37 -27.48
CA ASP A 294 13.37 -9.33 -26.52
C ASP A 294 13.16 -9.85 -25.09
N LEU A 295 13.38 -11.15 -24.89
CA LEU A 295 13.24 -11.78 -23.58
C LEU A 295 14.60 -12.29 -23.09
N ALA A 296 15.61 -11.43 -23.16
CA ALA A 296 16.97 -11.75 -22.74
C ALA A 296 17.31 -11.07 -21.41
N SER A 297 18.60 -10.95 -21.12
CA SER A 297 19.08 -10.29 -19.90
C SER A 297 18.72 -8.80 -19.89
N ARG A 298 18.56 -8.24 -18.70
CA ARG A 298 18.17 -6.83 -18.55
C ARG A 298 19.21 -5.85 -19.08
N ASP A 299 20.48 -6.26 -19.06
CA ASP A 299 21.55 -5.42 -19.59
C ASP A 299 21.65 -5.49 -21.12
N VAL A 300 21.15 -6.58 -21.70
CA VAL A 300 21.16 -6.79 -23.15
C VAL A 300 20.09 -5.94 -23.85
N VAL A 301 18.86 -6.01 -23.34
CA VAL A 301 17.72 -5.30 -23.93
C VAL A 301 17.85 -3.78 -23.81
N SER A 302 18.28 -3.32 -22.64
CA SER A 302 18.46 -1.89 -22.39
C SER A 302 19.61 -1.29 -23.18
N ARG A 303 20.65 -2.10 -23.40
CA ARG A 303 21.82 -1.69 -24.18
C ARG A 303 21.45 -1.40 -25.63
N SER A 304 20.54 -2.21 -26.16
CA SER A 304 20.03 -2.03 -27.52
C SER A 304 19.17 -0.77 -27.62
N MET A 305 18.34 -0.55 -26.61
CA MET A 305 17.44 0.59 -26.56
C MET A 305 18.18 1.93 -26.50
N THR A 306 19.14 2.03 -25.59
CA THR A 306 19.90 3.27 -25.39
C THR A 306 20.84 3.60 -26.56
N LEU A 307 21.18 2.58 -27.34
CA LEU A 307 22.02 2.76 -28.52
C LEU A 307 21.20 3.16 -29.75
N GLU A 308 19.94 2.69 -29.79
CA GLU A 308 19.01 3.02 -30.88
C GLU A 308 18.61 4.51 -30.89
N ILE A 309 18.70 5.15 -29.73
CA ILE A 309 18.41 6.58 -29.60
C ILE A 309 19.59 7.42 -30.10
N ARG A 310 20.80 6.93 -29.86
CA ARG A 310 22.04 7.61 -30.27
C ARG A 310 22.17 7.70 -31.79
N GLU A 311 21.56 6.76 -32.50
CA GLU A 311 21.55 6.75 -33.97
C GLU A 311 20.61 7.84 -34.50
N GLY A 312 19.45 7.97 -33.86
CA GLY A 312 18.44 8.94 -34.28
C GLY A 312 17.05 8.32 -34.41
N ARG A 313 16.98 7.01 -34.21
CA ARG A 313 15.72 6.28 -34.30
C ARG A 313 14.88 6.41 -33.03
N GLY A 314 14.38 7.62 -32.79
CA GLY A 314 13.49 7.89 -31.67
C GLY A 314 12.04 7.79 -32.10
N CYS A 315 11.12 7.82 -31.13
CA CYS A 315 9.69 7.67 -31.40
C CYS A 315 8.82 8.70 -30.69
N GLY A 316 9.45 9.69 -30.07
CA GLY A 316 8.72 10.71 -29.30
C GLY A 316 8.71 12.09 -29.91
N PRO A 317 8.34 13.12 -29.11
CA PRO A 317 8.29 14.51 -29.56
C PRO A 317 9.68 15.12 -29.73
N GLU A 318 10.70 14.49 -29.14
CA GLU A 318 12.08 14.95 -29.24
C GLU A 318 13.01 13.80 -29.66
N LYS A 319 12.39 12.70 -30.10
CA LYS A 319 13.10 11.48 -30.50
C LYS A 319 14.05 10.97 -29.40
N ASP A 320 13.46 10.54 -28.28
CA ASP A 320 14.24 10.12 -27.12
C ASP A 320 13.82 8.79 -26.49
N HIS A 321 12.64 8.27 -26.88
CA HIS A 321 12.16 7.00 -26.33
C HIS A 321 11.76 5.95 -27.38
N VAL A 322 11.62 4.71 -26.94
CA VAL A 322 11.22 3.58 -27.79
C VAL A 322 9.81 3.12 -27.40
N TYR A 323 9.21 2.26 -28.23
CA TYR A 323 7.83 1.79 -28.02
C TYR A 323 7.75 0.33 -27.58
N LEU A 324 6.85 0.04 -26.65
CA LEU A 324 6.49 -1.32 -26.27
C LEU A 324 5.06 -1.57 -26.73
N GLN A 325 4.87 -2.58 -27.59
CA GLN A 325 3.57 -2.84 -28.20
C GLN A 325 2.83 -4.00 -27.56
N LEU A 326 1.56 -3.75 -27.21
CA LEU A 326 0.66 -4.78 -26.66
C LEU A 326 -0.63 -4.83 -27.47
N HIS A 327 -0.54 -4.47 -28.76
CA HIS A 327 -1.67 -4.39 -29.66
C HIS A 327 -2.15 -5.77 -30.14
N HIS A 328 -1.20 -6.68 -30.38
CA HIS A 328 -1.49 -7.98 -30.97
C HIS A 328 -2.08 -9.01 -29.99
N LEU A 329 -1.76 -8.86 -28.71
CA LEU A 329 -2.24 -9.79 -27.67
C LEU A 329 -3.76 -9.72 -27.51
N PRO A 330 -4.40 -10.87 -27.23
CA PRO A 330 -5.84 -10.93 -26.97
C PRO A 330 -6.27 -10.04 -25.81
N PRO A 331 -7.44 -9.37 -25.93
CA PRO A 331 -7.95 -8.46 -24.90
C PRO A 331 -8.22 -9.15 -23.55
N GLU A 332 -8.63 -10.41 -23.60
CA GLU A 332 -8.91 -11.18 -22.38
C GLU A 332 -7.65 -11.62 -21.63
N GLN A 333 -6.53 -11.71 -22.35
CA GLN A 333 -5.24 -12.06 -21.76
C GLN A 333 -4.72 -10.93 -20.88
N LEU A 334 -4.89 -9.70 -21.35
CA LEU A 334 -4.43 -8.51 -20.63
C LEU A 334 -5.28 -8.21 -19.39
N ALA A 335 -6.56 -8.55 -19.45
CA ALA A 335 -7.50 -8.30 -18.35
C ALA A 335 -7.28 -9.27 -17.18
N VAL A 336 -6.79 -10.47 -17.48
CA VAL A 336 -6.59 -11.51 -16.47
C VAL A 336 -5.14 -11.54 -15.95
N ARG A 337 -4.18 -11.50 -16.87
CA ARG A 337 -2.77 -11.67 -16.52
C ARG A 337 -2.05 -10.37 -16.17
N LEU A 338 -2.35 -9.29 -16.90
CA LEU A 338 -1.65 -8.01 -16.73
C LEU A 338 -2.60 -6.81 -16.49
N PRO A 339 -3.35 -6.81 -15.36
CA PRO A 339 -4.27 -5.70 -15.12
C PRO A 339 -3.61 -4.51 -14.41
N GLY A 340 -2.54 -4.76 -13.67
CA GLY A 340 -1.83 -3.74 -12.91
C GLY A 340 -1.12 -2.72 -13.78
N ILE A 341 -0.57 -3.19 -14.89
CA ILE A 341 0.11 -2.31 -15.86
C ILE A 341 -0.88 -1.67 -16.84
N SER A 342 -2.07 -2.28 -16.96
CA SER A 342 -3.13 -1.79 -17.84
C SER A 342 -3.74 -0.49 -17.32
N GLU A 343 -3.70 -0.31 -16.00
CA GLU A 343 -4.29 0.86 -15.34
C GLU A 343 -3.25 1.97 -15.09
N THR A 344 -2.02 1.59 -14.81
CA THR A 344 -0.94 2.54 -14.54
C THR A 344 -0.44 3.25 -15.81
N ALA A 345 -0.48 2.55 -16.94
CA ALA A 345 -0.12 3.13 -18.23
C ALA A 345 -1.24 4.02 -18.77
N MET A 346 -2.44 3.83 -18.24
CA MET A 346 -3.62 4.61 -18.62
C MET A 346 -3.58 6.01 -18.00
N ILE A 347 -2.97 6.12 -16.82
CA ILE A 347 -2.96 7.37 -16.05
C ILE A 347 -1.76 8.27 -16.41
N PHE A 348 -0.55 7.73 -16.26
CA PHE A 348 0.67 8.51 -16.44
C PHE A 348 0.99 8.82 -17.91
N ALA A 349 0.87 7.81 -18.77
CA ALA A 349 1.10 7.99 -20.19
C ALA A 349 -0.11 8.57 -20.90
N GLY A 350 -1.29 8.35 -20.32
CA GLY A 350 -2.57 8.78 -20.92
C GLY A 350 -2.86 8.01 -22.20
N VAL A 351 -2.50 6.72 -22.18
CA VAL A 351 -2.53 5.88 -23.38
C VAL A 351 -3.08 4.49 -23.05
N ASP A 352 -3.97 4.00 -23.92
CA ASP A 352 -4.60 2.68 -23.76
C ASP A 352 -3.60 1.55 -24.01
N VAL A 353 -3.90 0.36 -23.49
CA VAL A 353 -3.02 -0.80 -23.61
C VAL A 353 -3.41 -1.80 -24.69
N THR A 354 -4.72 -1.99 -24.89
CA THR A 354 -5.23 -3.02 -25.80
C THR A 354 -5.09 -2.68 -27.30
N LYS A 355 -4.90 -1.40 -27.60
CA LYS A 355 -4.76 -0.94 -28.98
C LYS A 355 -3.50 -0.11 -29.22
N GLU A 356 -3.19 0.77 -28.26
CA GLU A 356 -2.07 1.69 -28.39
C GLU A 356 -0.82 1.15 -27.69
N PRO A 357 0.39 1.44 -28.25
CA PRO A 357 1.64 1.02 -27.62
C PRO A 357 2.08 1.98 -26.51
N ILE A 358 2.88 1.47 -25.57
CA ILE A 358 3.34 2.25 -24.42
C ILE A 358 4.78 2.74 -24.62
N PRO A 359 5.00 4.07 -24.45
CA PRO A 359 6.35 4.65 -24.55
C PRO A 359 7.26 4.17 -23.41
N VAL A 360 8.38 3.54 -23.77
CA VAL A 360 9.32 3.00 -22.79
C VAL A 360 10.73 3.58 -22.90
N LEU A 361 11.43 3.63 -21.77
CA LEU A 361 12.78 4.18 -21.69
C LEU A 361 13.56 3.46 -20.58
N PRO A 362 14.83 3.11 -20.86
CA PRO A 362 15.69 2.50 -19.85
C PRO A 362 15.96 3.44 -18.68
N THR A 363 15.57 3.01 -17.48
CA THR A 363 15.71 3.82 -16.26
C THR A 363 16.29 3.00 -15.11
N VAL A 364 16.87 3.69 -14.14
CA VAL A 364 17.44 3.07 -12.94
C VAL A 364 16.36 2.28 -12.19
N HIS A 365 16.67 1.03 -11.85
CA HIS A 365 15.68 0.11 -11.31
C HIS A 365 16.17 -0.70 -10.12
N TYR A 366 17.31 -1.39 -10.28
CA TYR A 366 17.83 -2.26 -9.23
C TYR A 366 19.29 -1.98 -8.89
N ASN A 367 19.62 -2.14 -7.62
CA ASN A 367 21.00 -2.09 -7.15
C ASN A 367 21.45 -3.45 -6.63
N MET A 368 22.25 -4.16 -7.44
CA MET A 368 22.81 -5.44 -7.03
C MET A 368 23.91 -5.29 -5.98
N GLY A 369 24.58 -4.14 -6.02
CA GLY A 369 25.58 -3.80 -5.02
C GLY A 369 24.96 -3.48 -3.67
N GLY A 370 25.81 -3.43 -2.65
CA GLY A 370 25.37 -3.13 -1.29
C GLY A 370 26.33 -3.63 -0.23
N ILE A 371 25.78 -4.08 0.89
CA ILE A 371 26.55 -4.53 2.03
C ILE A 371 27.11 -5.95 1.80
N PRO A 372 28.46 -6.10 1.87
CA PRO A 372 29.11 -7.40 1.70
C PRO A 372 28.51 -8.47 2.61
N THR A 373 28.15 -9.61 2.04
CA THR A 373 27.38 -10.63 2.74
C THR A 373 27.75 -12.03 2.23
N ASN A 374 27.87 -12.98 3.16
CA ASN A 374 28.04 -14.38 2.79
C ASN A 374 26.67 -15.03 2.52
N TYR A 375 26.66 -16.34 2.29
CA TYR A 375 25.41 -17.05 1.98
C TYR A 375 24.47 -17.15 3.18
N LYS A 376 25.03 -17.11 4.39
CA LYS A 376 24.26 -17.20 5.62
C LYS A 376 23.55 -15.89 5.99
N GLY A 377 24.02 -14.78 5.43
CA GLY A 377 23.42 -13.48 5.71
C GLY A 377 24.27 -12.59 6.61
N GLN A 378 25.48 -13.05 6.90
CA GLN A 378 26.39 -12.36 7.81
C GLN A 378 27.18 -11.28 7.08
N VAL A 379 27.28 -10.10 7.69
CA VAL A 379 28.01 -8.97 7.11
C VAL A 379 29.52 -9.16 7.19
N LEU A 380 30.19 -9.03 6.05
CA LEU A 380 31.63 -9.28 5.95
C LEU A 380 32.43 -7.98 5.83
N ARG A 381 33.56 -7.93 6.53
CA ARG A 381 34.52 -6.83 6.41
C ARG A 381 35.81 -7.34 5.78
N HIS A 382 36.62 -6.42 5.25
CA HIS A 382 37.85 -6.79 4.56
C HIS A 382 39.09 -6.48 5.40
N VAL A 383 39.68 -7.52 5.98
CA VAL A 383 40.88 -7.41 6.80
C VAL A 383 42.00 -8.26 6.23
N ASN A 384 43.14 -7.63 5.97
CA ASN A 384 44.36 -8.32 5.48
C ASN A 384 44.13 -9.11 4.18
N GLY A 385 43.36 -8.53 3.27
CA GLY A 385 43.01 -9.18 2.00
C GLY A 385 42.13 -10.41 2.14
N GLN A 386 41.52 -10.56 3.32
CA GLN A 386 40.70 -11.72 3.64
C GLN A 386 39.29 -11.33 4.08
N ASP A 387 38.48 -12.33 4.41
CA ASP A 387 37.09 -12.10 4.79
C ASP A 387 36.82 -12.42 6.25
N GLN A 388 36.42 -11.39 7.00
CA GLN A 388 36.09 -11.52 8.41
C GLN A 388 34.62 -11.17 8.64
N VAL A 389 33.99 -11.90 9.55
CA VAL A 389 32.57 -11.69 9.87
C VAL A 389 32.42 -10.64 10.97
N VAL A 390 31.58 -9.63 10.71
CA VAL A 390 31.26 -8.60 11.69
C VAL A 390 30.25 -9.16 12.69
N PRO A 391 30.63 -9.21 13.99
CA PRO A 391 29.80 -9.81 15.04
C PRO A 391 28.45 -9.11 15.24
N GLY A 392 27.37 -9.90 15.12
CA GLY A 392 26.02 -9.43 15.38
C GLY A 392 25.41 -8.53 14.31
N LEU A 393 26.02 -8.50 13.14
CA LEU A 393 25.53 -7.66 12.03
C LEU A 393 25.16 -8.51 10.82
N TYR A 394 23.89 -8.40 10.42
CA TYR A 394 23.35 -9.16 9.29
C TYR A 394 22.71 -8.22 8.28
N ALA A 395 22.61 -8.67 7.03
CA ALA A 395 21.98 -7.90 5.97
C ALA A 395 21.32 -8.81 4.95
N CYS A 396 20.12 -8.44 4.53
CA CYS A 396 19.39 -9.16 3.48
C CYS A 396 18.64 -8.18 2.58
N GLY A 397 18.30 -8.64 1.37
CA GLY A 397 17.54 -7.83 0.42
C GLY A 397 18.39 -6.98 -0.51
N GLU A 398 17.82 -5.84 -0.92
CA GLU A 398 18.44 -4.96 -1.92
C GLU A 398 19.64 -4.19 -1.36
N ALA A 399 19.56 -3.82 -0.08
CA ALA A 399 20.65 -3.13 0.60
C ALA A 399 21.85 -4.05 0.82
N ALA A 400 21.58 -5.34 0.91
CA ALA A 400 22.63 -6.35 1.06
C ALA A 400 23.28 -6.69 -0.28
N CYS A 401 24.40 -7.40 -0.21
CA CYS A 401 25.09 -7.87 -1.41
C CYS A 401 25.75 -9.21 -1.13
N ALA A 402 24.94 -10.25 -1.05
CA ALA A 402 25.42 -11.62 -1.03
C ALA A 402 25.93 -11.98 -2.43
N SER A 403 25.80 -11.00 -3.33
CA SER A 403 26.16 -11.11 -4.74
C SER A 403 25.55 -12.36 -5.37
N VAL A 404 24.23 -12.50 -5.19
CA VAL A 404 23.46 -13.56 -5.82
C VAL A 404 23.03 -13.10 -7.21
N HIS A 405 23.19 -11.81 -7.47
CA HIS A 405 22.84 -11.19 -8.75
C HIS A 405 24.10 -10.84 -9.58
N GLY A 406 25.21 -10.60 -8.88
CA GLY A 406 26.49 -10.34 -9.54
C GLY A 406 26.54 -9.05 -10.33
N ALA A 407 26.84 -9.18 -11.63
CA ALA A 407 26.94 -8.02 -12.52
C ALA A 407 25.59 -7.63 -13.12
N ASN A 408 24.64 -8.57 -13.12
CA ASN A 408 23.29 -8.33 -13.63
C ASN A 408 22.25 -9.27 -13.01
N ARG A 409 21.24 -8.67 -12.40
CA ARG A 409 20.13 -9.42 -11.81
C ARG A 409 19.21 -10.00 -12.89
N LEU A 410 18.91 -11.29 -12.77
CA LEU A 410 17.91 -11.93 -13.61
C LEU A 410 16.53 -11.57 -13.08
N GLY A 411 15.59 -11.32 -13.99
CA GLY A 411 14.23 -10.90 -13.64
C GLY A 411 13.48 -11.85 -12.73
N ALA A 412 12.78 -11.28 -11.75
CA ALA A 412 11.97 -12.01 -10.77
C ALA A 412 12.79 -12.86 -9.78
N ASN A 413 14.03 -12.44 -9.55
CA ASN A 413 14.90 -13.08 -8.57
C ASN A 413 15.06 -12.28 -7.28
N SER A 414 14.70 -10.99 -7.33
CA SER A 414 14.85 -10.11 -6.17
C SER A 414 13.81 -10.35 -5.07
N LEU A 415 12.59 -10.72 -5.47
CA LEU A 415 11.57 -11.11 -4.51
C LEU A 415 11.95 -12.44 -3.87
N LEU A 416 12.62 -13.29 -4.65
CA LEU A 416 13.19 -14.53 -4.14
C LEU A 416 14.38 -14.25 -3.21
N ASP A 417 15.19 -13.27 -3.59
CA ASP A 417 16.31 -12.78 -2.77
C ASP A 417 15.83 -12.33 -1.39
N LEU A 418 14.66 -11.68 -1.37
CA LEU A 418 14.04 -11.19 -0.14
C LEU A 418 13.62 -12.31 0.81
N VAL A 419 12.80 -13.23 0.29
CA VAL A 419 12.18 -14.29 1.10
C VAL A 419 13.18 -15.36 1.56
N VAL A 420 14.12 -15.71 0.69
CA VAL A 420 15.13 -16.73 1.02
C VAL A 420 16.18 -16.21 2.02
N PHE A 421 16.81 -15.09 1.69
CA PHE A 421 17.88 -14.53 2.52
C PHE A 421 17.39 -13.82 3.78
N GLY A 422 16.13 -13.39 3.76
CA GLY A 422 15.48 -12.86 4.96
C GLY A 422 15.29 -13.98 5.98
N ARG A 423 14.85 -15.13 5.48
CA ARG A 423 14.70 -16.34 6.27
C ARG A 423 16.06 -16.87 6.73
N ALA A 424 17.07 -16.77 5.87
CA ALA A 424 18.42 -17.22 6.16
C ALA A 424 19.08 -16.41 7.27
N CYS A 425 18.77 -15.11 7.32
CA CYS A 425 19.24 -14.23 8.39
C CYS A 425 18.66 -14.64 9.75
N ALA A 426 17.40 -15.07 9.74
CA ALA A 426 16.72 -15.53 10.95
C ALA A 426 17.26 -16.88 11.45
N LEU A 427 17.55 -17.78 10.52
CA LEU A 427 18.07 -19.10 10.86
C LEU A 427 19.52 -19.07 11.35
N SER A 428 20.29 -18.11 10.84
CA SER A 428 21.69 -17.93 11.24
C SER A 428 21.82 -17.42 12.67
N ILE A 429 20.86 -16.60 13.10
CA ILE A 429 20.83 -16.08 14.46
C ILE A 429 20.36 -17.16 15.44
N ALA A 430 19.36 -17.94 15.04
CA ALA A 430 18.78 -19.00 15.87
C ALA A 430 19.79 -20.09 16.24
N GLU A 431 20.81 -20.26 15.40
CA GLU A 431 21.84 -21.28 15.63
C GLU A 431 23.03 -20.73 16.41
N SER A 432 23.45 -19.51 16.08
CA SER A 432 24.65 -18.90 16.67
C SER A 432 24.47 -18.44 18.11
N CYS A 433 23.24 -18.04 18.48
CA CYS A 433 22.91 -17.64 19.85
C CYS A 433 21.48 -18.01 20.23
N ARG A 434 21.18 -17.95 21.53
CA ARG A 434 19.88 -18.35 22.06
C ARG A 434 19.07 -17.14 22.54
N PRO A 435 17.73 -17.24 22.53
CA PRO A 435 16.89 -16.18 23.10
C PRO A 435 17.03 -16.11 24.61
N GLY A 436 17.53 -14.97 25.10
CA GLY A 436 17.76 -14.78 26.52
C GLY A 436 19.23 -14.69 26.88
N ASP A 437 20.09 -14.71 25.85
CA ASP A 437 21.53 -14.55 26.03
C ASP A 437 21.88 -13.11 26.36
N LYS A 438 23.07 -12.91 26.94
CA LYS A 438 23.52 -11.60 27.39
C LYS A 438 23.51 -10.55 26.28
N VAL A 439 22.68 -9.53 26.45
CA VAL A 439 22.62 -8.39 25.54
C VAL A 439 23.79 -7.46 25.87
N PRO A 440 24.70 -7.24 24.90
CA PRO A 440 25.90 -6.42 25.13
C PRO A 440 25.57 -4.99 25.51
N SER A 441 26.15 -4.53 26.61
CA SER A 441 25.90 -3.18 27.13
C SER A 441 26.62 -2.11 26.33
N ILE A 442 25.90 -1.05 25.99
CA ILE A 442 26.44 0.06 25.22
C ILE A 442 26.92 1.19 26.15
N LYS A 443 27.89 1.98 25.68
CA LYS A 443 28.43 3.12 26.43
C LYS A 443 27.36 4.19 26.68
N PRO A 444 27.46 4.92 27.81
CA PRO A 444 26.53 6.01 28.11
C PRO A 444 26.63 7.16 27.12
N ASN A 445 27.84 7.43 26.64
CA ASN A 445 28.09 8.51 25.68
C ASN A 445 28.22 8.00 24.24
N ALA A 446 27.45 6.98 23.91
CA ALA A 446 27.51 6.34 22.58
C ALA A 446 26.40 6.82 21.65
N GLY A 447 26.77 7.06 20.40
CA GLY A 447 25.83 7.53 19.37
C GLY A 447 25.49 9.00 19.47
N GLU A 448 26.27 9.74 20.26
CA GLU A 448 26.03 11.17 20.48
C GLU A 448 26.46 12.01 19.28
N GLU A 449 27.41 11.48 18.50
CA GLU A 449 27.85 12.12 17.26
C GLU A 449 26.79 12.03 16.17
N SER A 450 25.96 11.00 16.25
CA SER A 450 24.82 10.83 15.34
C SER A 450 23.72 11.84 15.66
N VAL A 451 23.63 12.20 16.95
CA VAL A 451 22.70 13.23 17.41
C VAL A 451 23.25 14.62 17.08
N MET A 452 24.56 14.79 17.26
CA MET A 452 25.24 16.04 16.91
C MET A 452 25.11 16.38 15.42
N ASN A 453 25.21 15.36 14.58
CA ASN A 453 24.99 15.50 13.14
C ASN A 453 23.56 15.93 12.82
N LEU A 454 22.62 15.38 13.56
CA LEU A 454 21.19 15.68 13.40
C LEU A 454 20.85 17.11 13.84
N ASP A 455 21.51 17.57 14.91
CA ASP A 455 21.26 18.89 15.50
C ASP A 455 21.70 20.04 14.59
N LYS A 456 22.77 19.82 13.84
CA LYS A 456 23.29 20.80 12.89
C LYS A 456 22.31 21.03 11.73
N LEU A 457 21.79 19.93 11.19
CA LEU A 457 20.87 19.96 10.05
C LEU A 457 19.48 20.47 10.41
N ARG A 458 19.12 20.35 11.69
CA ARG A 458 17.85 20.86 12.22
C ARG A 458 17.87 22.38 12.25
N PHE A 459 19.02 22.96 12.59
CA PHE A 459 19.20 24.41 12.63
C PHE A 459 20.16 24.91 11.53
N ALA A 460 20.14 24.23 10.38
CA ALA A 460 21.03 24.54 9.27
C ALA A 460 20.73 25.88 8.60
N ASN A 461 21.76 26.72 8.48
CA ASN A 461 21.63 28.04 7.87
C ASN A 461 22.76 28.30 6.87
N GLY A 462 22.48 28.04 5.59
CA GLY A 462 23.50 28.16 4.55
C GLY A 462 23.07 28.97 3.34
N THR A 463 23.59 28.59 2.17
CA THR A 463 23.32 29.30 0.92
C THR A 463 22.58 28.46 -0.13
N ILE A 464 22.76 27.14 -0.07
CA ILE A 464 22.04 26.21 -0.95
C ILE A 464 21.03 25.44 -0.11
N ARG A 465 19.85 25.20 -0.69
CA ARG A 465 18.80 24.43 -0.01
C ARG A 465 19.01 22.93 -0.22
N THR A 466 18.23 22.12 0.48
CA THR A 466 18.26 20.66 0.35
C THR A 466 17.91 20.22 -1.07
N SER A 467 16.82 20.78 -1.60
CA SER A 467 16.29 20.41 -2.91
C SER A 467 17.22 20.75 -4.07
N GLU A 468 17.87 21.91 -4.00
CA GLU A 468 18.77 22.38 -5.05
C GLU A 468 20.03 21.53 -5.15
N LEU A 469 20.58 21.16 -4.00
CA LEU A 469 21.79 20.33 -3.94
C LEU A 469 21.48 18.87 -4.29
N ARG A 470 20.24 18.46 -4.05
CA ARG A 470 19.76 17.13 -4.44
C ARG A 470 19.63 17.03 -5.95
N LEU A 471 19.08 18.07 -6.56
CA LEU A 471 18.91 18.16 -8.01
C LEU A 471 20.24 18.15 -8.74
N SER A 472 21.25 18.80 -8.14
CA SER A 472 22.60 18.84 -8.70
C SER A 472 23.28 17.48 -8.65
N MET A 473 22.89 16.65 -7.68
CA MET A 473 23.42 15.29 -7.54
C MET A 473 22.75 14.33 -8.52
N GLN A 474 21.43 14.43 -8.61
CA GLN A 474 20.63 13.54 -9.46
C GLN A 474 20.91 13.70 -10.95
N LYS A 475 21.09 14.95 -11.38
CA LYS A 475 21.37 15.26 -12.78
C LYS A 475 22.80 14.91 -13.18
N SER A 476 23.74 15.08 -12.25
CA SER A 476 25.15 14.75 -12.48
C SER A 476 25.37 13.25 -12.64
N MET A 477 24.64 12.45 -11.86
CA MET A 477 24.71 10.99 -11.96
C MET A 477 24.01 10.49 -13.22
N GLN A 478 22.97 11.18 -13.62
CA GLN A 478 22.17 10.79 -14.79
C GLN A 478 22.93 10.98 -16.10
N SER A 479 23.61 12.12 -16.24
CA SER A 479 24.36 12.43 -17.46
C SER A 479 25.70 11.71 -17.55
N HIS A 480 26.37 11.54 -16.42
CA HIS A 480 27.69 10.90 -16.38
C HIS A 480 27.61 9.37 -16.29
N ALA A 481 26.99 8.87 -15.23
CA ALA A 481 26.91 7.42 -14.98
C ALA A 481 25.67 6.77 -15.61
N ALA A 482 25.50 6.98 -16.91
CA ALA A 482 24.38 6.40 -17.65
C ALA A 482 24.63 4.92 -17.99
N VAL A 483 23.98 4.44 -19.04
CA VAL A 483 24.18 3.06 -19.51
C VAL A 483 25.56 2.93 -20.14
N PHE A 484 25.92 3.91 -20.98
CA PHE A 484 27.27 4.01 -21.53
C PHE A 484 28.06 5.08 -20.79
N ARG A 485 29.32 4.77 -20.48
CA ARG A 485 30.19 5.68 -19.75
C ARG A 485 31.67 5.49 -20.08
N VAL A 486 32.35 6.59 -20.39
CA VAL A 486 33.78 6.59 -20.69
C VAL A 486 34.58 7.24 -19.56
N GLY A 487 35.89 6.95 -19.53
CA GLY A 487 36.79 7.45 -18.50
C GLY A 487 36.77 8.95 -18.31
N SER A 488 36.82 9.68 -19.42
CA SER A 488 36.85 11.15 -19.41
C SER A 488 35.57 11.76 -18.86
N VAL A 489 34.43 11.15 -19.19
CA VAL A 489 33.13 11.59 -18.71
C VAL A 489 32.94 11.25 -17.22
N LEU A 490 33.35 10.04 -16.84
CA LEU A 490 33.25 9.58 -15.46
C LEU A 490 34.13 10.37 -14.49
N GLN A 491 35.33 10.77 -14.96
CA GLN A 491 36.26 11.54 -14.14
C GLN A 491 35.80 12.97 -13.88
N GLU A 492 35.16 13.57 -14.88
CA GLU A 492 34.57 14.90 -14.74
C GLU A 492 33.41 14.86 -13.74
N GLY A 493 32.65 13.77 -13.79
CA GLY A 493 31.54 13.52 -12.87
C GLY A 493 32.03 13.27 -11.46
N CYS A 494 33.15 12.54 -11.33
CA CYS A 494 33.74 12.21 -10.03
C CYS A 494 34.13 13.45 -9.22
N GLU A 495 34.82 14.38 -9.87
CA GLU A 495 35.22 15.64 -9.23
C GLU A 495 34.06 16.62 -9.09
N LYS A 496 33.00 16.37 -9.85
CA LYS A 496 31.77 17.16 -9.76
C LYS A 496 30.94 16.71 -8.55
N ILE A 497 30.92 15.40 -8.30
CA ILE A 497 30.25 14.82 -7.13
C ILE A 497 31.05 15.14 -5.86
N LEU A 498 32.38 15.16 -5.99
CA LEU A 498 33.28 15.51 -4.89
C LEU A 498 33.07 16.96 -4.41
N ARG A 499 32.81 17.86 -5.36
CA ARG A 499 32.56 19.27 -5.06
C ARG A 499 31.25 19.45 -4.29
N LEU A 500 30.25 18.65 -4.65
CA LEU A 500 28.92 18.73 -4.01
C LEU A 500 28.94 18.22 -2.57
N TYR A 501 29.84 17.28 -2.28
CA TYR A 501 29.98 16.74 -0.92
C TYR A 501 30.55 17.80 0.03
N GLY A 502 31.43 18.66 -0.51
CA GLY A 502 31.94 19.81 0.22
C GLY A 502 30.86 20.85 0.45
N ASP A 503 29.90 20.91 -0.46
CA ASP A 503 28.78 21.86 -0.38
C ASP A 503 27.72 21.44 0.65
N LEU A 504 27.87 20.25 1.22
CA LEU A 504 26.96 19.76 2.27
C LEU A 504 27.18 20.45 3.62
N GLN A 505 28.17 21.33 3.68
CA GLN A 505 28.40 22.17 4.84
C GLN A 505 27.74 23.54 4.66
N HIS A 506 27.32 23.83 3.44
CA HIS A 506 26.73 25.12 3.07
C HIS A 506 25.21 25.06 2.89
N LEU A 507 24.58 24.00 3.40
CA LEU A 507 23.15 23.80 3.20
C LEU A 507 22.24 24.62 4.11
N LYS A 508 21.09 25.01 3.58
CA LYS A 508 20.10 25.82 4.28
C LYS A 508 18.81 25.03 4.50
N THR A 509 18.31 25.05 5.73
CA THR A 509 17.04 24.40 6.07
C THR A 509 16.03 25.42 6.60
N PHE A 510 14.76 25.06 6.62
CA PHE A 510 13.70 25.97 7.04
C PHE A 510 12.89 25.51 8.26
N ASP A 511 12.44 24.27 8.26
CA ASP A 511 11.64 23.74 9.35
C ASP A 511 12.48 23.47 10.60
N ARG A 512 12.04 24.02 11.74
CA ARG A 512 12.75 23.86 13.01
C ARG A 512 11.96 22.99 14.00
N GLY A 513 10.83 22.45 13.54
CA GLY A 513 9.96 21.64 14.38
C GLY A 513 10.53 20.27 14.72
N MET A 514 10.08 19.74 15.87
CA MET A 514 10.46 18.40 16.31
C MET A 514 9.53 17.33 15.71
N VAL A 515 8.22 17.59 15.78
CA VAL A 515 7.21 16.69 15.25
C VAL A 515 7.17 16.78 13.74
N TRP A 516 7.43 15.65 13.08
CA TRP A 516 7.41 15.52 11.62
C TRP A 516 8.19 16.60 10.88
N ASN A 517 9.52 16.52 10.96
CA ASN A 517 10.40 17.43 10.24
C ASN A 517 10.90 16.78 8.96
N THR A 518 10.08 16.89 7.91
CA THR A 518 10.42 16.32 6.60
C THR A 518 11.54 17.08 5.90
N ASP A 519 11.63 18.38 6.19
CA ASP A 519 12.71 19.23 5.69
C ASP A 519 14.06 18.77 6.26
N LEU A 520 14.02 18.15 7.44
CA LEU A 520 15.21 17.64 8.10
C LEU A 520 15.57 16.21 7.66
N VAL A 521 14.57 15.34 7.55
CA VAL A 521 14.81 13.92 7.22
C VAL A 521 15.22 13.70 5.76
N GLU A 522 14.74 14.57 4.86
CA GLU A 522 15.13 14.51 3.46
C GLU A 522 16.56 15.01 3.26
N THR A 523 17.05 15.78 4.24
CA THR A 523 18.44 16.21 4.27
C THR A 523 19.30 15.10 4.89
N LEU A 524 18.72 14.34 5.81
CA LEU A 524 19.35 13.13 6.34
C LEU A 524 19.49 12.08 5.25
N GLU A 525 18.48 12.01 4.37
CA GLU A 525 18.51 11.13 3.21
C GLU A 525 19.55 11.61 2.20
N LEU A 526 19.70 12.93 2.07
CA LEU A 526 20.66 13.54 1.14
C LEU A 526 22.11 13.18 1.47
N GLN A 527 22.43 13.18 2.77
CA GLN A 527 23.75 12.77 3.25
C GLN A 527 24.04 11.32 2.89
N ASN A 528 23.01 10.49 3.01
CA ASN A 528 23.10 9.06 2.73
C ASN A 528 23.09 8.75 1.23
N LEU A 529 22.40 9.58 0.46
CA LEU A 529 22.39 9.48 -1.00
C LEU A 529 23.75 9.82 -1.59
N MET A 530 24.36 10.89 -1.09
CA MET A 530 25.69 11.33 -1.51
C MET A 530 26.76 10.27 -1.29
N LEU A 531 26.75 9.68 -0.09
CA LEU A 531 27.68 8.60 0.26
C LEU A 531 27.51 7.38 -0.65
N CYS A 532 26.26 7.15 -1.09
CA CYS A 532 25.95 6.10 -2.04
C CYS A 532 26.26 6.51 -3.48
N ALA A 533 26.40 7.82 -3.71
CA ALA A 533 26.72 8.34 -5.04
C ALA A 533 28.22 8.34 -5.31
N LEU A 534 29.01 8.65 -4.29
CA LEU A 534 30.47 8.68 -4.40
C LEU A 534 31.04 7.31 -4.77
N GLN A 535 30.59 6.27 -4.05
CA GLN A 535 31.09 4.92 -4.25
C GLN A 535 30.63 4.30 -5.58
N THR A 536 29.51 4.81 -6.09
CA THR A 536 28.98 4.37 -7.38
C THR A 536 29.84 4.91 -8.53
N ILE A 537 30.17 6.19 -8.47
CA ILE A 537 30.89 6.87 -9.56
C ILE A 537 32.40 6.59 -9.56
N TYR A 538 32.99 6.46 -8.38
CA TYR A 538 34.42 6.14 -8.24
C TYR A 538 34.70 4.67 -8.57
N GLY A 539 33.78 3.80 -8.16
CA GLY A 539 33.86 2.37 -8.45
C GLY A 539 33.68 2.08 -9.93
N ALA A 540 32.90 2.91 -10.61
CA ALA A 540 32.64 2.78 -12.04
C ALA A 540 33.82 3.24 -12.89
N GLU A 541 34.45 4.34 -12.49
CA GLU A 541 35.56 4.92 -13.25
C GLU A 541 36.85 4.10 -13.11
N ALA A 542 37.01 3.45 -11.97
CA ALA A 542 38.19 2.61 -11.71
C ALA A 542 38.11 1.29 -12.44
N ARG A 543 36.89 0.76 -12.59
CA ARG A 543 36.65 -0.49 -13.30
C ARG A 543 36.81 -0.31 -14.81
N LYS A 544 37.90 -0.85 -15.34
CA LYS A 544 38.24 -0.69 -16.75
C LYS A 544 37.83 -1.90 -17.60
N GLU A 545 36.56 -2.27 -17.51
CA GLU A 545 36.00 -3.40 -18.27
C GLU A 545 34.50 -3.24 -18.52
N SER A 546 33.98 -4.04 -19.44
CA SER A 546 32.54 -4.13 -19.67
C SER A 546 32.00 -5.47 -19.18
N ARG A 547 31.24 -5.42 -18.10
CA ARG A 547 30.67 -6.62 -17.48
C ARG A 547 29.27 -6.34 -16.96
N GLY A 548 28.28 -7.01 -17.55
CA GLY A 548 26.89 -6.88 -17.14
C GLY A 548 26.32 -5.50 -17.44
N ALA A 549 25.86 -4.83 -16.39
CA ALA A 549 25.27 -3.49 -16.51
C ALA A 549 26.33 -2.40 -16.69
N HIS A 550 27.50 -2.61 -16.09
CA HIS A 550 28.62 -1.68 -16.25
C HIS A 550 29.28 -1.89 -17.60
N ALA A 551 29.07 -0.95 -18.52
CA ALA A 551 29.61 -1.04 -19.88
C ALA A 551 30.45 0.19 -20.22
N ARG A 552 31.73 -0.05 -20.49
CA ARG A 552 32.65 1.00 -20.90
C ARG A 552 32.77 1.02 -22.42
N GLU A 553 32.57 2.19 -23.02
CA GLU A 553 32.69 2.37 -24.46
C GLU A 553 34.14 2.19 -24.92
N ASP A 554 35.07 2.65 -24.07
CA ASP A 554 36.51 2.54 -24.33
C ASP A 554 37.03 1.11 -24.15
N PHE A 555 36.57 0.44 -23.10
CA PHE A 555 36.92 -0.96 -22.86
C PHE A 555 35.69 -1.85 -22.90
N LYS A 556 35.38 -2.38 -24.08
CA LYS A 556 34.26 -3.32 -24.25
C LYS A 556 34.69 -4.77 -24.03
N GLU A 557 35.93 -4.95 -23.61
CA GLU A 557 36.49 -6.27 -23.34
C GLU A 557 36.04 -6.79 -21.98
N ARG A 558 35.74 -8.09 -21.91
CA ARG A 558 35.36 -8.74 -20.67
C ARG A 558 36.60 -9.41 -20.08
N VAL A 559 37.19 -8.78 -19.06
CA VAL A 559 38.48 -9.20 -18.51
C VAL A 559 38.32 -10.20 -17.36
N ASP A 560 38.70 -11.45 -17.61
CA ASP A 560 38.71 -12.50 -16.60
C ASP A 560 40.15 -12.92 -16.31
N GLU A 561 40.32 -13.94 -15.47
CA GLU A 561 41.65 -14.50 -15.18
C GLU A 561 42.22 -15.17 -16.42
N TYR A 562 41.41 -16.05 -17.02
CA TYR A 562 41.74 -16.67 -18.30
C TYR A 562 40.95 -16.00 -19.42
N ASP A 563 41.39 -16.20 -20.66
CA ASP A 563 40.61 -15.80 -21.83
C ASP A 563 39.68 -16.95 -22.19
N TYR A 564 38.47 -16.91 -21.64
CA TYR A 564 37.52 -18.03 -21.75
C TYR A 564 36.87 -18.17 -23.13
N SER A 565 37.18 -17.25 -24.03
CA SER A 565 36.69 -17.32 -25.42
C SER A 565 37.37 -18.46 -26.19
N LYS A 566 38.61 -18.77 -25.82
CA LYS A 566 39.39 -19.83 -26.45
C LYS A 566 39.67 -20.98 -25.46
N PRO A 567 40.23 -22.11 -25.94
CA PRO A 567 40.61 -23.26 -25.11
C PRO A 567 41.30 -22.93 -23.79
N ILE A 568 41.09 -23.78 -22.79
CA ILE A 568 41.55 -23.55 -21.42
C ILE A 568 42.83 -24.33 -21.08
N GLN A 569 43.55 -23.85 -20.07
CA GLN A 569 44.72 -24.52 -19.46
C GLN A 569 46.00 -24.57 -20.30
N GLY A 570 45.86 -24.39 -21.61
CA GLY A 570 47.02 -24.12 -22.48
C GLY A 570 47.22 -22.63 -22.52
N GLN A 571 47.22 -22.02 -21.33
CA GLN A 571 47.07 -20.57 -21.17
C GLN A 571 47.68 -20.11 -19.85
N GLN A 572 48.14 -18.86 -19.83
CA GLN A 572 48.71 -18.26 -18.62
C GLN A 572 47.61 -17.61 -17.77
N LYS A 573 47.66 -17.88 -16.46
CA LYS A 573 46.69 -17.33 -15.52
C LYS A 573 47.14 -15.95 -15.02
N LYS A 574 46.26 -14.97 -15.15
CA LYS A 574 46.54 -13.59 -14.75
C LYS A 574 46.54 -13.41 -13.24
N PRO A 575 47.41 -12.52 -12.71
CA PRO A 575 47.44 -12.19 -11.29
C PRO A 575 46.15 -11.52 -10.80
N PHE A 576 45.98 -11.43 -9.48
CA PHE A 576 44.77 -10.87 -8.88
C PHE A 576 44.57 -9.39 -9.17
N GLN A 577 45.64 -8.61 -9.06
CA GLN A 577 45.58 -7.17 -9.32
C GLN A 577 45.82 -6.82 -10.78
N GLU A 578 45.41 -7.73 -11.67
CA GLU A 578 45.57 -7.54 -13.11
C GLU A 578 44.25 -7.70 -13.87
N HIS A 579 43.47 -8.73 -13.51
CA HIS A 579 42.15 -8.94 -14.11
C HIS A 579 41.06 -8.15 -13.38
N TRP A 580 39.80 -8.37 -13.76
CA TRP A 580 38.68 -7.61 -13.20
C TRP A 580 37.46 -8.46 -12.81
N ARG A 581 37.67 -9.76 -12.62
CA ARG A 581 36.61 -10.65 -12.14
C ARG A 581 36.66 -10.70 -10.62
N LYS A 582 36.38 -9.57 -9.99
CA LYS A 582 36.46 -9.40 -8.54
C LYS A 582 35.50 -8.33 -8.05
N HIS A 583 35.13 -8.42 -6.77
CA HIS A 583 34.18 -7.48 -6.15
C HIS A 583 34.85 -6.16 -5.78
N THR A 584 34.13 -5.06 -6.01
CA THR A 584 34.63 -3.72 -5.71
C THR A 584 34.21 -3.27 -4.30
N LEU A 585 35.14 -3.36 -3.36
CA LEU A 585 34.90 -2.91 -2.00
C LEU A 585 35.38 -1.47 -1.85
N SER A 586 34.48 -0.59 -1.44
CA SER A 586 34.81 0.83 -1.34
C SER A 586 34.54 1.40 0.05
N TYR A 587 35.55 2.08 0.58
CA TYR A 587 35.43 2.86 1.81
C TYR A 587 35.41 4.33 1.42
N VAL A 588 34.79 5.15 2.25
CA VAL A 588 34.82 6.60 2.06
C VAL A 588 34.89 7.36 3.39
N ASP A 589 35.96 8.15 3.54
CA ASP A 589 36.16 9.00 4.71
C ASP A 589 35.08 10.08 4.74
N VAL A 590 34.19 9.98 5.72
CA VAL A 590 33.03 10.86 5.83
C VAL A 590 33.41 12.33 6.08
N LYS A 591 34.53 12.52 6.78
CA LYS A 591 34.99 13.85 7.20
C LYS A 591 35.37 14.75 6.02
N THR A 592 36.10 14.20 5.05
CA THR A 592 36.59 14.96 3.90
C THR A 592 35.90 14.59 2.59
N GLY A 593 35.30 13.40 2.54
CA GLY A 593 34.62 12.92 1.34
C GLY A 593 35.53 12.27 0.34
N LYS A 594 36.53 11.54 0.82
CA LYS A 594 37.50 10.86 -0.03
C LYS A 594 37.19 9.37 -0.15
N VAL A 595 37.18 8.86 -1.37
CA VAL A 595 36.92 7.45 -1.63
C VAL A 595 38.24 6.67 -1.77
N SER A 596 38.38 5.63 -0.96
CA SER A 596 39.50 4.70 -1.07
C SER A 596 38.93 3.28 -1.22
N LEU A 597 39.28 2.62 -2.32
CA LEU A 597 38.67 1.34 -2.67
C LEU A 597 39.69 0.23 -2.93
N GLU A 598 39.30 -1.00 -2.56
CA GLU A 598 40.09 -2.20 -2.82
C GLU A 598 39.18 -3.37 -3.26
N TYR A 599 39.76 -4.54 -3.48
CA TYR A 599 39.02 -5.65 -4.10
C TYR A 599 39.17 -6.99 -3.39
N ARG A 600 38.14 -7.83 -3.51
CA ARG A 600 38.18 -9.21 -3.01
C ARG A 600 37.65 -10.19 -4.07
N PRO A 601 38.14 -11.44 -4.06
CA PRO A 601 37.79 -12.41 -5.09
C PRO A 601 36.35 -12.92 -4.99
N VAL A 602 35.82 -13.40 -6.12
CA VAL A 602 34.48 -13.98 -6.16
C VAL A 602 34.50 -15.44 -5.70
N ILE A 603 33.37 -15.90 -5.16
CA ILE A 603 33.25 -17.28 -4.70
C ILE A 603 32.76 -18.16 -5.85
N ASP A 604 33.62 -19.08 -6.28
CA ASP A 604 33.31 -19.99 -7.39
C ASP A 604 32.71 -21.31 -6.91
N LYS A 605 33.17 -21.80 -5.76
CA LYS A 605 32.71 -23.07 -5.21
C LYS A 605 31.22 -23.03 -4.83
N THR A 606 30.54 -24.17 -5.01
CA THR A 606 29.16 -24.32 -4.60
C THR A 606 29.11 -24.94 -3.20
N LEU A 607 27.90 -25.16 -2.69
CA LEU A 607 27.71 -25.78 -1.37
C LEU A 607 27.93 -27.30 -1.44
N ASN A 608 27.68 -27.88 -2.62
CA ASN A 608 27.92 -29.30 -2.87
C ASN A 608 28.16 -29.53 -4.36
N GLU A 609 29.39 -29.95 -4.69
CA GLU A 609 29.80 -30.18 -6.08
C GLU A 609 29.06 -31.36 -6.71
N ALA A 610 28.84 -32.40 -5.90
CA ALA A 610 28.13 -33.61 -6.34
C ALA A 610 26.66 -33.33 -6.62
N ASP A 611 26.07 -32.41 -5.87
CA ASP A 611 24.66 -32.06 -6.01
C ASP A 611 24.45 -30.94 -7.04
N CYS A 612 25.42 -30.04 -7.15
CA CYS A 612 25.34 -28.91 -8.07
C CYS A 612 26.73 -28.50 -8.57
N ALA A 613 26.98 -28.74 -9.85
CA ALA A 613 28.29 -28.49 -10.45
C ALA A 613 28.59 -27.01 -10.62
N THR A 614 29.86 -26.64 -10.39
CA THR A 614 30.34 -25.29 -10.60
C THR A 614 30.38 -24.97 -12.09
N VAL A 615 29.77 -23.85 -12.47
CA VAL A 615 29.73 -23.42 -13.86
C VAL A 615 30.86 -22.44 -14.16
N PRO A 616 31.82 -22.85 -15.02
CA PRO A 616 32.95 -22.01 -15.41
C PRO A 616 32.54 -20.85 -16.31
N PRO A 617 33.33 -19.76 -16.33
CA PRO A 617 33.05 -18.61 -17.20
C PRO A 617 33.11 -18.97 -18.69
N ALA A 618 32.23 -18.36 -19.47
CA ALA A 618 32.16 -18.62 -20.92
C ALA A 618 31.67 -17.39 -21.68
N ILE A 619 31.61 -17.51 -23.00
CA ILE A 619 31.09 -16.44 -23.86
C ILE A 619 29.62 -16.21 -23.54
N ARG A 620 29.29 -14.99 -23.15
CA ARG A 620 27.94 -14.65 -22.69
C ARG A 620 27.17 -13.80 -23.70
N SER A 621 26.15 -14.43 -24.30
CA SER A 621 25.22 -13.77 -25.21
C SER A 621 24.00 -14.66 -25.44
N TYR A 622 22.83 -14.18 -25.04
CA TYR A 622 21.58 -14.93 -25.21
C TYR A 622 21.05 -14.83 -26.63
N PRO B 9 2.58 30.92 -20.02
CA PRO B 9 2.71 30.43 -18.64
C PRO B 9 1.36 30.48 -17.90
N ARG B 10 0.93 29.34 -17.39
CA ARG B 10 -0.34 29.24 -16.66
C ARG B 10 -0.11 29.06 -15.16
N ILE B 11 -0.71 29.95 -14.37
CA ILE B 11 -0.55 29.93 -12.91
C ILE B 11 -1.78 29.36 -12.22
N LYS B 12 -1.57 28.27 -11.49
CA LYS B 12 -2.62 27.61 -10.72
C LYS B 12 -2.48 27.91 -9.23
N LYS B 13 -3.61 28.12 -8.56
CA LYS B 13 -3.63 28.42 -7.13
C LYS B 13 -3.98 27.17 -6.31
N PHE B 14 -3.22 26.96 -5.22
CA PHE B 14 -3.44 25.82 -4.33
C PHE B 14 -3.62 26.30 -2.88
N ALA B 15 -4.84 26.14 -2.36
CA ALA B 15 -5.11 26.43 -0.95
C ALA B 15 -4.99 25.15 -0.13
N ILE B 16 -4.08 25.15 0.84
CA ILE B 16 -3.74 23.93 1.58
C ILE B 16 -3.89 24.12 3.10
N TYR B 17 -4.41 23.07 3.75
CA TYR B 17 -4.56 23.02 5.21
C TYR B 17 -3.20 22.98 5.90
N ARG B 18 -3.02 23.84 6.90
CA ARG B 18 -1.74 23.97 7.60
C ARG B 18 -1.91 24.05 9.12
N TRP B 19 -1.11 23.27 9.84
CA TRP B 19 -1.04 23.32 11.30
C TRP B 19 0.31 22.84 11.81
N ASP B 20 0.94 23.63 12.66
CA ASP B 20 2.23 23.30 13.25
C ASP B 20 2.08 23.06 14.76
N PRO B 21 2.36 21.83 15.22
CA PRO B 21 2.29 21.48 16.65
C PRO B 21 3.41 22.11 17.47
N ASP B 22 4.47 22.55 16.80
CA ASP B 22 5.63 23.14 17.48
C ASP B 22 5.50 24.64 17.72
N LYS B 23 4.66 25.30 16.90
CA LYS B 23 4.38 26.72 17.08
C LYS B 23 3.52 26.94 18.33
N THR B 24 3.92 27.91 19.14
CA THR B 24 3.26 28.19 20.43
C THR B 24 1.83 28.68 20.25
N GLY B 25 0.87 27.85 20.66
CA GLY B 25 -0.56 28.18 20.59
C GLY B 25 -1.04 28.46 19.17
N ASP B 26 -0.75 27.55 18.25
CA ASP B 26 -1.10 27.72 16.84
C ASP B 26 -2.51 27.21 16.54
N LYS B 27 -3.25 28.01 15.77
CA LYS B 27 -4.57 27.63 15.29
C LYS B 27 -4.52 27.15 13.83
N PRO B 28 -5.29 26.11 13.48
CA PRO B 28 -5.31 25.55 12.12
C PRO B 28 -5.87 26.53 11.09
N HIS B 29 -5.13 26.73 10.01
CA HIS B 29 -5.50 27.69 8.96
C HIS B 29 -5.23 27.16 7.55
N MET B 30 -5.56 27.98 6.55
CA MET B 30 -5.32 27.67 5.15
C MET B 30 -4.20 28.54 4.59
N GLN B 31 -3.47 28.01 3.61
CA GLN B 31 -2.39 28.75 2.96
C GLN B 31 -2.37 28.50 1.46
N THR B 32 -2.29 29.58 0.69
CA THR B 32 -2.33 29.49 -0.78
C THR B 32 -0.94 29.63 -1.40
N TYR B 33 -0.66 28.77 -2.39
CA TYR B 33 0.60 28.80 -3.13
C TYR B 33 0.33 28.92 -4.63
N GLU B 34 1.15 29.69 -5.33
CA GLU B 34 1.04 29.84 -6.77
C GLU B 34 2.07 28.99 -7.52
N ILE B 35 1.60 28.25 -8.53
CA ILE B 35 2.45 27.30 -9.27
C ILE B 35 2.23 27.39 -10.78
N ASP B 36 3.34 27.43 -11.53
CA ASP B 36 3.30 27.36 -12.99
C ASP B 36 3.11 25.92 -13.43
N LEU B 37 2.11 25.68 -14.27
CA LEU B 37 1.75 24.32 -14.69
C LEU B 37 2.57 23.78 -15.88
N ASN B 38 3.50 24.59 -16.38
CA ASN B 38 4.40 24.16 -17.45
C ASN B 38 5.70 23.57 -16.92
N ASN B 39 6.13 24.04 -15.75
CA ASN B 39 7.32 23.54 -15.07
C ASN B 39 6.98 22.58 -13.94
N CYS B 40 5.80 21.97 -14.03
CA CYS B 40 5.31 21.05 -12.99
C CYS B 40 4.63 19.83 -13.60
N GLY B 41 4.61 18.73 -12.84
CA GLY B 41 3.98 17.50 -13.26
C GLY B 41 2.47 17.58 -13.37
N PRO B 42 1.83 16.53 -13.93
CA PRO B 42 0.38 16.52 -14.15
C PRO B 42 -0.43 16.29 -12.87
N MET B 43 0.14 15.58 -11.92
CA MET B 43 -0.59 15.16 -10.72
C MET B 43 -0.46 16.16 -9.56
N VAL B 44 -1.38 16.07 -8.61
CA VAL B 44 -1.42 16.96 -7.44
C VAL B 44 -0.20 16.77 -6.54
N LEU B 45 0.26 15.53 -6.42
CA LEU B 45 1.45 15.21 -5.62
C LEU B 45 2.69 15.91 -6.15
N ASP B 46 2.77 16.04 -7.47
CA ASP B 46 3.88 16.74 -8.13
C ASP B 46 3.91 18.21 -7.74
N ALA B 47 2.72 18.80 -7.59
CA ALA B 47 2.58 20.20 -7.18
C ALA B 47 2.95 20.39 -5.71
N LEU B 48 2.56 19.44 -4.88
CA LEU B 48 2.90 19.45 -3.45
C LEU B 48 4.41 19.31 -3.24
N ILE B 49 5.04 18.46 -4.05
CA ILE B 49 6.49 18.27 -4.03
C ILE B 49 7.22 19.53 -4.50
N LYS B 50 6.64 20.21 -5.50
CA LYS B 50 7.24 21.42 -6.06
C LYS B 50 7.31 22.57 -5.04
N ILE B 51 6.25 22.75 -4.26
CA ILE B 51 6.24 23.79 -3.22
C ILE B 51 7.04 23.36 -1.99
N LYS B 52 7.16 22.04 -1.80
CA LYS B 52 7.99 21.46 -0.75
C LYS B 52 9.46 21.78 -1.02
N ASN B 53 9.86 21.66 -2.29
CA ASN B 53 11.24 21.87 -2.71
C ASN B 53 11.66 23.34 -2.69
N GLU B 54 10.77 24.23 -3.12
CA GLU B 54 11.14 25.62 -3.38
C GLU B 54 10.43 26.63 -2.48
N ILE B 55 9.09 26.61 -2.52
CA ILE B 55 8.28 27.65 -1.87
C ILE B 55 8.28 27.54 -0.35
N ASP B 56 7.84 26.39 0.16
CA ASP B 56 7.70 26.18 1.59
C ASP B 56 8.00 24.72 1.97
N SER B 57 9.13 24.53 2.67
CA SER B 57 9.55 23.18 3.08
C SER B 57 9.02 22.78 4.46
N THR B 58 8.19 23.63 5.05
CA THR B 58 7.52 23.31 6.31
C THR B 58 6.36 22.34 6.04
N LEU B 59 5.79 22.43 4.84
CA LEU B 59 4.71 21.53 4.40
C LEU B 59 5.08 20.07 4.65
N THR B 60 4.15 19.31 5.21
CA THR B 60 4.40 17.93 5.61
C THR B 60 3.29 17.00 5.12
N PHE B 61 3.69 15.97 4.38
CA PHE B 61 2.75 14.99 3.83
C PHE B 61 3.38 13.60 3.64
N ARG B 62 2.52 12.59 3.51
CA ARG B 62 2.96 11.22 3.28
C ARG B 62 3.12 10.97 1.79
N ARG B 63 4.24 10.34 1.40
CA ARG B 63 4.49 9.97 0.00
C ARG B 63 5.54 8.87 -0.10
N SER B 64 5.41 8.05 -1.15
CA SER B 64 6.37 6.98 -1.41
C SER B 64 6.53 6.68 -2.90
N CYS B 65 5.60 5.90 -3.45
CA CYS B 65 5.75 5.32 -4.78
C CYS B 65 5.49 6.28 -5.96
N ARG B 66 4.80 7.38 -5.70
CA ARG B 66 4.26 8.29 -6.74
C ARG B 66 3.66 7.53 -7.93
N GLU B 67 3.06 6.38 -7.64
CA GLU B 67 2.58 5.44 -8.66
C GLU B 67 1.12 5.04 -8.41
N GLY B 68 0.64 5.28 -7.18
CA GLY B 68 -0.73 4.96 -6.81
C GLY B 68 -0.90 3.51 -6.38
N ILE B 69 0.15 2.93 -5.81
CA ILE B 69 0.14 1.53 -5.39
C ILE B 69 0.75 1.28 -4.01
N CYS B 70 0.84 2.33 -3.19
CA CYS B 70 1.32 2.18 -1.81
C CYS B 70 0.31 2.71 -0.80
N GLY B 71 -0.37 3.79 -1.15
CA GLY B 71 -1.44 4.35 -0.32
C GLY B 71 -1.03 5.35 0.73
N SER B 72 0.19 5.88 0.61
CA SER B 72 0.71 6.86 1.55
C SER B 72 0.05 8.23 1.36
N CYS B 73 0.03 8.71 0.12
CA CYS B 73 -0.41 10.07 -0.21
C CYS B 73 -1.94 10.28 -0.19
N ALA B 74 -2.66 9.36 0.43
CA ALA B 74 -4.12 9.44 0.54
C ALA B 74 -4.54 10.68 1.32
N MET B 75 -5.36 11.52 0.68
CA MET B 75 -5.84 12.77 1.28
C MET B 75 -7.14 13.27 0.63
N ASN B 76 -7.62 14.41 1.12
CA ASN B 76 -8.84 15.04 0.61
C ASN B 76 -8.54 16.18 -0.35
N ILE B 77 -8.84 15.97 -1.63
CA ILE B 77 -8.63 17.01 -2.65
C ILE B 77 -9.97 17.47 -3.21
N ASN B 78 -10.26 18.77 -3.03
CA ASN B 78 -11.46 19.42 -3.57
C ASN B 78 -12.78 18.66 -3.33
N GLY B 79 -12.86 17.95 -2.21
CA GLY B 79 -14.07 17.23 -1.84
C GLY B 79 -13.84 15.77 -1.48
N GLY B 80 -13.66 14.94 -2.50
CA GLY B 80 -13.50 13.50 -2.31
C GLY B 80 -12.12 13.07 -1.82
N ASN B 81 -12.01 11.81 -1.41
CA ASN B 81 -10.75 11.23 -0.94
C ASN B 81 -10.10 10.35 -2.00
N THR B 82 -9.00 10.81 -2.56
CA THR B 82 -8.23 10.06 -3.56
C THR B 82 -6.73 10.19 -3.33
N LEU B 83 -5.97 9.33 -4.00
CA LEU B 83 -4.52 9.39 -3.98
C LEU B 83 -4.04 10.59 -4.81
N ALA B 84 -3.10 11.35 -4.25
CA ALA B 84 -2.61 12.58 -4.86
C ALA B 84 -1.80 12.35 -6.14
N CYS B 85 -1.18 11.18 -6.25
CA CYS B 85 -0.38 10.82 -7.42
C CYS B 85 -1.23 10.19 -8.53
N THR B 86 -2.50 9.95 -8.25
CA THR B 86 -3.44 9.41 -9.23
C THR B 86 -4.33 10.53 -9.79
N ARG B 87 -4.71 11.46 -8.92
CA ARG B 87 -5.53 12.60 -9.31
C ARG B 87 -4.69 13.66 -10.03
N ARG B 88 -5.11 14.01 -11.23
CA ARG B 88 -4.46 15.08 -12.00
C ARG B 88 -5.10 16.43 -11.70
N ILE B 89 -4.29 17.48 -11.75
CA ILE B 89 -4.76 18.84 -11.47
C ILE B 89 -5.71 19.32 -12.57
N ASP B 90 -6.76 20.04 -12.16
CA ASP B 90 -7.68 20.67 -13.09
C ASP B 90 -7.00 21.87 -13.74
N THR B 91 -6.85 21.80 -15.06
CA THR B 91 -6.18 22.84 -15.84
C THR B 91 -6.95 24.16 -15.86
N ASN B 92 -8.23 24.09 -15.47
CA ASN B 92 -9.06 25.27 -15.29
C ASN B 92 -8.49 26.16 -14.18
N LEU B 93 -7.88 27.28 -14.60
CA LEU B 93 -7.16 28.18 -13.70
C LEU B 93 -8.09 29.03 -12.83
N ASP B 94 -9.35 29.16 -13.26
CA ASP B 94 -10.33 29.99 -12.57
C ASP B 94 -10.80 29.42 -11.23
N LYS B 95 -10.36 28.20 -10.92
CA LYS B 95 -10.66 27.57 -9.64
C LYS B 95 -9.41 27.44 -8.79
N VAL B 96 -9.58 27.59 -7.47
CA VAL B 96 -8.49 27.39 -6.52
C VAL B 96 -8.64 26.02 -5.84
N SER B 97 -7.66 25.15 -6.05
CA SER B 97 -7.69 23.80 -5.50
C SER B 97 -7.43 23.81 -3.99
N LYS B 98 -8.42 23.33 -3.24
CA LYS B 98 -8.32 23.24 -1.78
C LYS B 98 -7.91 21.82 -1.35
N ILE B 99 -6.81 21.75 -0.60
CA ILE B 99 -6.25 20.47 -0.16
C ILE B 99 -6.37 20.29 1.35
N TYR B 100 -7.06 19.23 1.75
CA TYR B 100 -7.28 18.90 3.16
C TYR B 100 -6.76 17.50 3.48
N PRO B 101 -6.54 17.19 4.77
CA PRO B 101 -6.24 15.81 5.16
C PRO B 101 -7.50 14.95 5.19
N LEU B 102 -7.34 13.64 5.39
CA LEU B 102 -8.49 12.73 5.48
C LEU B 102 -9.49 13.21 6.54
N PRO B 103 -10.79 13.19 6.22
CA PRO B 103 -11.84 13.76 7.08
C PRO B 103 -11.97 13.06 8.43
N HIS B 104 -12.28 13.84 9.46
CA HIS B 104 -12.47 13.35 10.83
C HIS B 104 -11.34 12.45 11.33
N MET B 105 -10.12 12.99 11.28
CA MET B 105 -8.93 12.29 11.77
C MET B 105 -8.06 13.25 12.57
N TYR B 106 -7.38 12.73 13.58
CA TYR B 106 -6.49 13.55 14.41
C TYR B 106 -5.24 13.95 13.61
N VAL B 107 -5.08 15.25 13.41
CA VAL B 107 -3.96 15.79 12.64
C VAL B 107 -2.69 15.84 13.50
N ILE B 108 -1.65 15.18 13.02
CA ILE B 108 -0.34 15.21 13.67
C ILE B 108 0.38 16.51 13.28
N LYS B 109 0.46 16.76 11.97
CA LYS B 109 1.00 17.99 11.42
C LYS B 109 0.57 18.13 9.95
N ASP B 110 -0.06 19.26 9.63
CA ASP B 110 -0.51 19.56 8.27
C ASP B 110 -1.26 18.33 7.76
N LEU B 111 -1.01 17.95 6.50
CA LEU B 111 -1.72 16.85 5.86
C LEU B 111 -1.43 15.40 6.33
N VAL B 112 -0.84 15.28 7.51
CA VAL B 112 -0.50 13.97 8.07
C VAL B 112 -1.48 13.60 9.20
N PRO B 113 -2.35 12.61 8.97
CA PRO B 113 -3.30 12.15 9.98
C PRO B 113 -2.80 10.91 10.74
N ASP B 114 -3.28 10.74 11.97
CA ASP B 114 -2.96 9.56 12.77
C ASP B 114 -3.84 8.39 12.35
N LEU B 115 -3.22 7.37 11.77
CA LEU B 115 -3.93 6.20 11.26
C LEU B 115 -3.76 4.98 12.17
N SER B 116 -3.33 5.20 13.40
CA SER B 116 -3.04 4.13 14.35
C SER B 116 -4.25 3.26 14.68
N ASN B 117 -5.42 3.89 14.83
CA ASN B 117 -6.66 3.16 15.09
C ASN B 117 -7.10 2.33 13.89
N PHE B 118 -6.83 2.85 12.70
CA PHE B 118 -7.14 2.16 11.44
C PHE B 118 -6.34 0.86 11.29
N TYR B 119 -5.05 0.93 11.57
CA TYR B 119 -4.18 -0.25 11.50
C TYR B 119 -4.53 -1.27 12.58
N ALA B 120 -4.90 -0.76 13.75
CA ALA B 120 -5.22 -1.59 14.92
C ALA B 120 -6.47 -2.43 14.71
N GLN B 121 -7.44 -1.87 13.97
CA GLN B 121 -8.66 -2.58 13.62
C GLN B 121 -8.39 -3.70 12.62
N TYR B 122 -7.42 -3.47 11.73
CA TYR B 122 -6.98 -4.44 10.74
C TYR B 122 -6.33 -5.67 11.39
N LYS B 123 -5.74 -5.46 12.56
CA LYS B 123 -5.13 -6.56 13.32
C LYS B 123 -6.19 -7.43 14.00
N SER B 124 -7.29 -6.81 14.42
CA SER B 124 -8.33 -7.49 15.20
C SER B 124 -9.17 -8.48 14.39
N ILE B 125 -9.06 -8.43 13.07
CA ILE B 125 -9.81 -9.34 12.19
C ILE B 125 -8.98 -10.56 11.75
N GLU B 126 -7.67 -10.52 12.04
CA GLU B 126 -6.73 -11.59 11.72
C GLU B 126 -6.64 -11.86 10.20
N PRO B 127 -5.83 -11.06 9.48
CA PRO B 127 -5.70 -11.19 8.03
C PRO B 127 -4.60 -12.17 7.62
N TYR B 128 -4.77 -13.43 7.99
CA TYR B 128 -3.85 -14.51 7.63
C TYR B 128 -4.57 -15.85 7.58
N LEU B 129 -4.05 -16.79 6.79
CA LEU B 129 -4.64 -18.12 6.66
C LEU B 129 -4.61 -18.89 7.97
N LYS B 130 -5.77 -19.43 8.34
CA LYS B 130 -5.87 -20.28 9.51
C LYS B 130 -6.42 -21.65 9.12
N LYS B 131 -5.57 -22.67 9.24
CA LYS B 131 -5.95 -24.05 8.96
C LYS B 131 -6.21 -24.79 10.27
N LYS B 132 -7.04 -25.83 10.20
CA LYS B 132 -7.37 -26.64 11.36
C LYS B 132 -6.21 -27.52 11.82
N ASP B 133 -5.36 -27.92 10.87
CA ASP B 133 -4.16 -28.69 11.16
C ASP B 133 -3.00 -28.17 10.30
N GLU B 134 -1.99 -27.61 10.96
CA GLU B 134 -0.86 -26.98 10.26
C GLU B 134 0.43 -27.81 10.40
N SER B 135 0.28 -29.12 10.51
CA SER B 135 1.43 -30.03 10.61
C SER B 135 1.99 -30.37 9.23
N GLN B 136 1.26 -29.99 8.18
CA GLN B 136 1.65 -30.26 6.80
C GLN B 136 1.96 -28.98 6.02
N GLU B 137 2.20 -27.88 6.73
CA GLU B 137 2.53 -26.61 6.10
C GLU B 137 4.02 -26.52 5.78
N GLY B 138 4.36 -25.68 4.80
CA GLY B 138 5.75 -25.46 4.38
C GLY B 138 6.30 -26.52 3.44
N LYS B 139 5.46 -27.47 3.06
CA LYS B 139 5.87 -28.56 2.17
C LYS B 139 4.92 -28.74 0.98
N GLN B 140 3.63 -28.52 1.22
CA GLN B 140 2.60 -28.67 0.19
C GLN B 140 2.13 -27.32 -0.32
N GLN B 141 1.61 -27.30 -1.55
CA GLN B 141 0.94 -26.11 -2.07
C GLN B 141 -0.57 -26.34 -2.07
N TYR B 142 -1.29 -25.48 -1.37
CA TYR B 142 -2.75 -25.59 -1.26
C TYR B 142 -3.40 -25.34 -2.62
N LEU B 143 -4.28 -26.26 -3.02
CA LEU B 143 -4.96 -26.17 -4.30
C LEU B 143 -6.16 -25.23 -4.24
N GLN B 144 -6.19 -24.28 -5.17
CA GLN B 144 -7.32 -23.37 -5.33
C GLN B 144 -7.68 -23.31 -6.81
N SER B 145 -8.86 -23.84 -7.15
CA SER B 145 -9.30 -23.91 -8.55
C SER B 145 -9.50 -22.53 -9.16
N ILE B 146 -9.40 -22.46 -10.48
CA ILE B 146 -9.50 -21.19 -11.22
C ILE B 146 -10.76 -20.38 -10.91
N GLU B 147 -11.89 -21.07 -10.74
CA GLU B 147 -13.17 -20.44 -10.42
C GLU B 147 -13.19 -19.90 -8.98
N GLU B 148 -12.57 -20.65 -8.06
CA GLU B 148 -12.46 -20.24 -6.66
C GLU B 148 -11.49 -19.08 -6.49
N ARG B 149 -10.50 -19.02 -7.37
CA ARG B 149 -9.51 -17.93 -7.37
C ARG B 149 -10.14 -16.62 -7.86
N GLU B 150 -11.06 -16.71 -8.81
CA GLU B 150 -11.74 -15.53 -9.37
C GLU B 150 -12.60 -14.78 -8.36
N LYS B 151 -12.97 -15.45 -7.27
CA LYS B 151 -13.79 -14.85 -6.22
C LYS B 151 -13.02 -13.88 -5.34
N LEU B 152 -11.71 -13.79 -5.57
CA LEU B 152 -10.85 -12.85 -4.83
C LEU B 152 -10.65 -11.53 -5.57
N ASP B 153 -10.85 -11.54 -6.88
CA ASP B 153 -10.71 -10.35 -7.70
C ASP B 153 -11.62 -9.23 -7.23
N GLY B 154 -11.01 -8.12 -6.84
CA GLY B 154 -11.73 -6.99 -6.27
C GLY B 154 -11.50 -6.83 -4.77
N LEU B 155 -10.94 -7.87 -4.14
CA LEU B 155 -10.73 -7.88 -2.69
C LEU B 155 -9.25 -7.77 -2.32
N TYR B 156 -8.41 -8.57 -2.97
CA TYR B 156 -6.98 -8.63 -2.65
C TYR B 156 -6.20 -7.39 -3.09
N GLU B 157 -6.77 -6.63 -4.03
CA GLU B 157 -6.11 -5.46 -4.61
C GLU B 157 -6.09 -4.25 -3.66
N CYS B 158 -6.75 -4.37 -2.52
CA CYS B 158 -6.80 -3.30 -1.53
C CYS B 158 -5.41 -2.85 -1.10
N ILE B 159 -5.23 -1.54 -0.98
CA ILE B 159 -3.93 -0.96 -0.70
C ILE B 159 -3.85 -0.40 0.74
N LEU B 160 -5.01 -0.30 1.39
CA LEU B 160 -5.15 0.24 2.75
C LEU B 160 -4.83 1.74 2.83
N CYS B 161 -5.32 2.49 1.84
CA CYS B 161 -5.14 3.94 1.82
C CYS B 161 -6.06 4.65 2.82
N ALA B 162 -7.08 3.92 3.27
CA ALA B 162 -8.05 4.39 4.28
C ALA B 162 -8.97 5.51 3.80
N CYS B 163 -9.12 5.64 2.48
CA CYS B 163 -10.01 6.63 1.89
C CYS B 163 -11.48 6.28 2.09
N CYS B 164 -11.82 5.00 1.91
CA CYS B 164 -13.20 4.53 2.00
C CYS B 164 -13.76 4.58 3.42
N SER B 165 -12.97 4.16 4.40
CA SER B 165 -13.37 4.19 5.80
C SER B 165 -13.55 5.62 6.30
N THR B 166 -12.66 6.52 5.88
CA THR B 166 -12.72 7.93 6.28
C THR B 166 -13.73 8.74 5.45
N SER B 167 -14.30 8.12 4.43
CA SER B 167 -15.40 8.72 3.67
C SER B 167 -16.75 8.34 4.27
N CYS B 168 -16.74 7.36 5.17
CA CYS B 168 -17.94 6.93 5.86
C CYS B 168 -18.30 7.86 7.00
N PRO B 169 -19.51 8.45 6.97
CA PRO B 169 -19.99 9.29 8.06
C PRO B 169 -20.22 8.48 9.33
N SER B 170 -20.68 7.24 9.18
CA SER B 170 -20.87 6.33 10.31
C SER B 170 -19.55 5.93 10.97
N TYR B 171 -18.45 6.16 10.25
CA TYR B 171 -17.10 5.96 10.80
C TYR B 171 -16.63 7.21 11.53
N TRP B 172 -17.18 8.37 11.15
CA TRP B 172 -16.84 9.61 11.83
C TRP B 172 -17.52 9.68 13.20
N TRP B 173 -18.76 9.21 13.26
CA TRP B 173 -19.53 9.24 14.52
C TRP B 173 -19.13 8.10 15.46
N ASN B 174 -18.72 6.97 14.87
CA ASN B 174 -18.37 5.78 15.66
C ASN B 174 -17.05 5.14 15.20
N GLY B 175 -16.00 5.95 15.13
CA GLY B 175 -14.68 5.49 14.68
C GLY B 175 -13.95 4.57 15.65
N ASP B 176 -14.49 4.46 16.86
CA ASP B 176 -13.90 3.61 17.89
C ASP B 176 -14.44 2.19 17.88
N LYS B 177 -15.71 2.03 17.52
CA LYS B 177 -16.37 0.72 17.61
C LYS B 177 -16.77 0.13 16.26
N TYR B 178 -16.79 0.96 15.23
CA TYR B 178 -17.07 0.49 13.86
C TYR B 178 -15.77 0.32 13.09
N LEU B 179 -15.60 -0.87 12.52
CA LEU B 179 -14.36 -1.26 11.84
C LEU B 179 -14.07 -0.43 10.58
N GLY B 180 -15.12 -0.13 9.82
CA GLY B 180 -14.99 0.66 8.60
C GLY B 180 -14.78 -0.19 7.35
N PRO B 181 -15.23 0.32 6.18
CA PRO B 181 -15.18 -0.31 4.86
C PRO B 181 -13.90 -1.11 4.57
N ALA B 182 -12.75 -0.48 4.78
CA ALA B 182 -11.44 -1.07 4.45
C ALA B 182 -11.18 -2.36 5.21
N VAL B 183 -11.31 -2.29 6.54
CA VAL B 183 -11.07 -3.43 7.43
C VAL B 183 -12.13 -4.52 7.23
N LEU B 184 -13.38 -4.09 7.03
CA LEU B 184 -14.50 -5.00 6.85
C LEU B 184 -14.39 -5.84 5.57
N MET B 185 -13.88 -5.24 4.51
CA MET B 185 -13.69 -5.93 3.23
C MET B 185 -12.62 -7.01 3.33
N GLN B 186 -11.60 -6.75 4.15
CA GLN B 186 -10.51 -7.70 4.34
C GLN B 186 -10.94 -8.91 5.16
N ALA B 187 -11.90 -8.70 6.06
CA ALA B 187 -12.52 -9.81 6.79
C ALA B 187 -13.19 -10.74 5.80
N TYR B 188 -13.95 -10.16 4.87
CA TYR B 188 -14.63 -10.90 3.81
C TYR B 188 -13.65 -11.62 2.89
N ARG B 189 -12.52 -10.98 2.59
CA ARG B 189 -11.47 -11.55 1.75
C ARG B 189 -11.02 -12.92 2.26
N TRP B 190 -10.74 -12.99 3.57
CA TRP B 190 -10.28 -14.20 4.22
C TRP B 190 -11.42 -15.17 4.53
N MET B 191 -12.66 -14.72 4.33
CA MET B 191 -13.82 -15.56 4.54
C MET B 191 -14.02 -16.54 3.37
N ILE B 192 -14.09 -16.02 2.15
CA ILE B 192 -14.28 -16.89 0.97
C ILE B 192 -12.95 -17.37 0.34
N ASP B 193 -11.84 -17.06 0.99
CA ASP B 193 -10.55 -17.63 0.63
C ASP B 193 -10.66 -19.11 0.96
N SER B 194 -10.95 -19.93 -0.05
CA SER B 194 -11.32 -21.34 0.14
C SER B 194 -10.21 -22.20 0.76
N ARG B 195 -9.08 -21.55 1.06
CA ARG B 195 -7.96 -22.16 1.76
C ARG B 195 -8.08 -21.93 3.28
N ASP B 196 -9.03 -21.10 3.67
CA ASP B 196 -9.24 -20.75 5.09
C ASP B 196 -10.36 -21.60 5.69
N ASP B 197 -10.03 -22.29 6.78
CA ASP B 197 -10.97 -23.20 7.44
C ASP B 197 -11.76 -22.53 8.56
N PHE B 198 -11.44 -21.27 8.84
CA PHE B 198 -12.01 -20.53 9.97
C PHE B 198 -13.08 -19.51 9.58
N THR B 199 -13.84 -19.83 8.52
CA THR B 199 -14.85 -18.92 7.98
C THR B 199 -16.00 -18.61 8.97
N GLU B 200 -16.39 -19.62 9.75
CA GLU B 200 -17.53 -19.51 10.65
C GLU B 200 -17.28 -18.58 11.84
N GLU B 201 -16.18 -18.79 12.55
CA GLU B 201 -15.85 -18.00 13.74
C GLU B 201 -15.39 -16.57 13.41
N ARG B 202 -15.03 -16.35 12.14
CA ARG B 202 -14.77 -15.00 11.64
C ARG B 202 -16.07 -14.21 11.57
N LEU B 203 -17.15 -14.89 11.18
CA LEU B 203 -18.48 -14.29 11.15
C LEU B 203 -19.06 -14.13 12.56
N ALA B 204 -18.71 -15.07 13.45
CA ALA B 204 -19.15 -15.03 14.84
C ALA B 204 -18.50 -13.89 15.62
N LYS B 205 -17.38 -13.39 15.09
CA LYS B 205 -16.63 -12.30 15.69
C LYS B 205 -17.35 -10.95 15.50
N LEU B 206 -18.21 -10.88 14.49
CA LEU B 206 -18.95 -9.67 14.16
C LEU B 206 -20.34 -9.62 14.79
N GLN B 207 -20.56 -10.45 15.80
CA GLN B 207 -21.89 -10.58 16.43
C GLN B 207 -22.13 -9.55 17.53
N ASP B 208 -21.97 -8.28 17.17
CA ASP B 208 -22.29 -7.16 18.06
C ASP B 208 -22.83 -6.00 17.22
N PRO B 209 -23.54 -5.04 17.86
CA PRO B 209 -24.21 -3.96 17.11
C PRO B 209 -23.28 -3.04 16.32
N PHE B 210 -22.02 -2.94 16.72
CA PHE B 210 -21.11 -1.92 16.18
C PHE B 210 -20.14 -2.41 15.10
N SER B 211 -19.52 -3.57 15.32
CA SER B 211 -18.44 -4.08 14.46
C SER B 211 -18.77 -4.05 12.96
N LEU B 212 -19.93 -4.61 12.61
CA LEU B 212 -20.37 -4.66 11.22
C LEU B 212 -21.66 -3.86 11.00
N TYR B 213 -22.56 -3.95 11.97
CA TYR B 213 -23.93 -3.45 11.81
C TYR B 213 -24.14 -1.95 12.02
N ARG B 214 -23.05 -1.18 11.97
CA ARG B 214 -23.13 0.28 11.91
C ARG B 214 -23.12 0.77 10.46
N CYS B 215 -23.08 -0.19 9.53
CA CYS B 215 -23.19 0.11 8.11
C CYS B 215 -24.66 0.32 7.74
N HIS B 216 -24.92 1.42 7.04
CA HIS B 216 -26.29 1.75 6.64
C HIS B 216 -26.38 2.02 5.13
N THR B 217 -25.46 1.44 4.37
CA THR B 217 -25.43 1.52 2.91
C THR B 217 -25.49 2.96 2.39
N ILE B 218 -24.59 3.80 2.88
CA ILE B 218 -24.47 5.19 2.42
C ILE B 218 -23.74 5.22 1.08
N MET B 219 -22.89 4.22 0.85
CA MET B 219 -22.17 4.02 -0.41
C MET B 219 -21.12 5.08 -0.74
N ASN B 220 -20.66 5.81 0.28
CA ASN B 220 -19.58 6.77 0.10
C ASN B 220 -18.21 6.10 -0.05
N CYS B 221 -18.11 4.87 0.45
CA CYS B 221 -16.90 4.06 0.34
C CYS B 221 -16.61 3.63 -1.09
N THR B 222 -17.62 3.05 -1.74
CA THR B 222 -17.50 2.59 -3.13
C THR B 222 -17.17 3.74 -4.08
N GLY B 223 -17.80 4.89 -3.83
CA GLY B 223 -17.64 6.07 -4.68
C GLY B 223 -16.26 6.69 -4.65
N THR B 224 -15.63 6.69 -3.48
CA THR B 224 -14.36 7.39 -3.28
C THR B 224 -13.11 6.54 -3.54
N CYS B 225 -13.28 5.22 -3.62
CA CYS B 225 -12.16 4.29 -3.77
C CYS B 225 -11.30 4.58 -5.00
N PRO B 226 -10.02 4.93 -4.79
CA PRO B 226 -9.11 5.29 -5.88
C PRO B 226 -8.71 4.10 -6.76
N LYS B 227 -8.85 2.89 -6.23
CA LYS B 227 -8.49 1.66 -6.95
C LYS B 227 -9.68 1.06 -7.70
N GLY B 228 -10.85 1.68 -7.53
CA GLY B 228 -12.07 1.24 -8.21
C GLY B 228 -12.73 0.02 -7.60
N LEU B 229 -12.34 -0.30 -6.37
CA LEU B 229 -12.88 -1.46 -5.65
C LEU B 229 -14.26 -1.14 -5.09
N ASN B 230 -14.99 -2.18 -4.70
CA ASN B 230 -16.35 -2.04 -4.21
C ASN B 230 -16.50 -2.57 -2.78
N PRO B 231 -16.12 -1.76 -1.77
CA PRO B 231 -16.19 -2.20 -0.37
C PRO B 231 -17.63 -2.41 0.09
N GLY B 232 -18.52 -1.48 -0.25
CA GLY B 232 -19.91 -1.54 0.15
C GLY B 232 -20.62 -2.83 -0.23
N LYS B 233 -20.37 -3.29 -1.46
CA LYS B 233 -20.90 -4.55 -1.96
C LYS B 233 -20.42 -5.73 -1.09
N ALA B 234 -19.17 -5.66 -0.66
CA ALA B 234 -18.57 -6.70 0.18
C ALA B 234 -19.19 -6.73 1.58
N ILE B 235 -19.44 -5.55 2.16
CA ILE B 235 -20.08 -5.46 3.49
C ILE B 235 -21.48 -6.06 3.46
N ALA B 236 -22.26 -5.68 2.45
CA ALA B 236 -23.62 -6.23 2.25
C ALA B 236 -23.58 -7.74 2.01
N GLU B 237 -22.49 -8.22 1.41
CA GLU B 237 -22.31 -9.64 1.15
C GLU B 237 -21.99 -10.41 2.43
N ILE B 238 -21.33 -9.74 3.38
CA ILE B 238 -21.09 -10.32 4.71
C ILE B 238 -22.42 -10.44 5.45
N LYS B 239 -23.20 -9.37 5.42
CA LYS B 239 -24.50 -9.30 6.10
C LYS B 239 -25.40 -10.49 5.76
N LYS B 240 -25.35 -10.92 4.50
CA LYS B 240 -26.10 -12.07 4.03
C LYS B 240 -25.59 -13.38 4.61
N MET B 241 -24.26 -13.53 4.65
CA MET B 241 -23.61 -14.71 5.23
C MET B 241 -23.89 -14.81 6.72
N MET B 242 -24.00 -13.66 7.37
CA MET B 242 -24.27 -13.56 8.80
C MET B 242 -25.64 -14.10 9.18
N ALA B 243 -26.60 -13.96 8.27
CA ALA B 243 -27.96 -14.45 8.48
C ALA B 243 -28.13 -15.89 8.00
N THR B 244 -27.13 -16.40 7.28
CA THR B 244 -27.21 -17.73 6.67
C THR B 244 -26.04 -18.65 7.06
N TYR B 245 -25.77 -18.75 8.36
CA TYR B 245 -24.80 -19.72 8.88
C TYR B 245 -25.27 -20.32 10.19
N LYS B 246 -25.12 -21.64 10.32
CA LYS B 246 -25.67 -22.39 11.46
C LYS B 246 -24.63 -22.75 12.51
N GLU B 247 -25.11 -23.18 13.67
CA GLU B 247 -24.27 -23.56 14.84
C GLU B 247 -23.38 -22.41 15.34
N THR C 3 2.61 -6.28 21.92
CA THR C 3 1.38 -5.43 21.84
C THR C 3 0.24 -6.12 21.07
N THR C 4 -0.97 -6.03 21.62
CA THR C 4 -2.15 -6.65 20.99
C THR C 4 -3.03 -5.61 20.31
N ALA C 5 -4.01 -6.08 19.53
CA ALA C 5 -4.91 -5.22 18.76
C ALA C 5 -5.81 -4.36 19.66
N LYS C 6 -6.16 -4.89 20.83
CA LYS C 6 -6.99 -4.17 21.79
C LYS C 6 -6.17 -3.10 22.53
N GLU C 7 -4.90 -3.39 22.77
CA GLU C 7 -3.98 -2.47 23.44
C GLU C 7 -3.60 -1.28 22.54
N GLU C 8 -3.44 -1.56 21.25
CA GLU C 8 -3.09 -0.54 20.26
C GLU C 8 -4.16 0.56 20.17
N MET C 9 -5.42 0.14 20.25
CA MET C 9 -6.56 1.06 20.23
C MET C 9 -6.67 1.87 21.53
N GLU C 10 -6.39 1.21 22.65
CA GLU C 10 -6.50 1.82 23.96
C GLU C 10 -5.44 2.90 24.17
N ARG C 11 -4.26 2.68 23.57
CA ARG C 11 -3.15 3.64 23.63
C ARG C 11 -3.32 4.77 22.61
N PHE C 12 -4.14 4.52 21.59
CA PHE C 12 -4.46 5.51 20.56
C PHE C 12 -5.28 6.66 21.13
N TRP C 13 -6.32 6.33 21.91
CA TRP C 13 -7.22 7.31 22.47
C TRP C 13 -6.64 8.08 23.65
N ASN C 14 -5.73 7.44 24.38
CA ASN C 14 -5.04 8.08 25.50
C ASN C 14 -4.01 9.13 25.07
N LYS C 15 -3.45 8.94 23.87
CA LYS C 15 -2.48 9.87 23.32
C LYS C 15 -3.16 11.10 22.70
N ASN C 16 -4.23 10.86 21.96
CA ASN C 16 -4.88 11.92 21.17
C ASN C 16 -5.83 12.84 21.94
N LEU C 17 -6.56 12.28 22.92
CA LEU C 17 -7.48 13.05 23.74
C LEU C 17 -6.74 13.89 24.79
N GLY C 18 -5.56 13.44 25.19
CA GLY C 18 -4.72 14.17 26.13
C GLY C 18 -3.67 15.03 25.46
N SER C 19 -3.95 15.45 24.22
CA SER C 19 -3.04 16.29 23.45
C SER C 19 -3.78 17.42 22.74
N ASN C 20 -3.02 18.43 22.31
CA ASN C 20 -3.57 19.60 21.63
C ASN C 20 -3.70 19.42 20.11
N ARG C 21 -3.96 18.18 19.69
CA ARG C 21 -4.17 17.86 18.27
C ARG C 21 -5.58 18.27 17.83
N PRO C 22 -5.70 18.88 16.63
CA PRO C 22 -7.00 19.25 16.10
C PRO C 22 -7.63 18.14 15.26
N LEU C 23 -8.95 18.04 15.29
CA LEU C 23 -9.68 17.10 14.45
C LEU C 23 -9.89 17.72 13.09
N SER C 24 -9.55 16.96 12.04
CA SER C 24 -9.63 17.43 10.66
C SER C 24 -11.08 17.67 10.20
N PRO C 25 -11.33 18.82 9.56
CA PRO C 25 -12.67 19.18 9.04
C PRO C 25 -13.23 18.10 8.11
N HIS C 26 -14.51 17.77 8.32
CA HIS C 26 -15.16 16.67 7.59
C HIS C 26 -16.39 17.13 6.80
N ILE C 27 -17.49 17.40 7.51
CA ILE C 27 -18.74 17.86 6.89
C ILE C 27 -18.61 19.26 6.29
N THR C 28 -17.69 20.05 6.86
CA THR C 28 -17.44 21.42 6.45
C THR C 28 -16.89 21.52 5.03
N ILE C 29 -16.25 20.45 4.55
CA ILE C 29 -15.55 20.49 3.26
C ILE C 29 -15.84 19.33 2.29
N TYR C 30 -16.32 18.19 2.81
CA TYR C 30 -16.55 17.01 1.98
C TYR C 30 -17.59 17.28 0.88
N ARG C 31 -17.32 16.72 -0.30
CA ARG C 31 -18.17 16.92 -1.48
C ARG C 31 -19.55 16.30 -1.32
N TRP C 32 -20.58 17.14 -1.46
CA TRP C 32 -21.97 16.69 -1.41
C TRP C 32 -22.31 15.82 -2.61
N SER C 33 -22.99 14.71 -2.34
CA SER C 33 -23.38 13.77 -3.39
C SER C 33 -24.82 13.31 -3.16
N LEU C 34 -25.45 12.81 -4.24
CA LEU C 34 -26.81 12.30 -4.18
C LEU C 34 -26.98 11.10 -3.22
N PRO C 35 -26.08 10.10 -3.28
CA PRO C 35 -26.20 8.95 -2.36
C PRO C 35 -26.14 9.34 -0.89
N MET C 36 -25.29 10.31 -0.55
CA MET C 36 -25.13 10.80 0.81
C MET C 36 -26.35 11.59 1.25
N ALA C 37 -26.87 12.42 0.34
CA ALA C 37 -28.03 13.26 0.63
C ALA C 37 -29.33 12.47 0.74
N MET C 38 -29.45 11.42 -0.09
CA MET C 38 -30.65 10.57 -0.10
C MET C 38 -30.75 9.64 1.10
N SER C 39 -29.61 9.38 1.75
CA SER C 39 -29.59 8.57 2.96
C SER C 39 -30.00 9.40 4.18
N ILE C 40 -29.66 10.69 4.15
CA ILE C 40 -30.03 11.63 5.21
C ILE C 40 -31.55 11.85 5.24
N CYS C 41 -32.14 11.96 4.05
CA CYS C 41 -33.58 12.14 3.90
C CYS C 41 -34.38 10.94 4.39
N HIS C 42 -33.82 9.75 4.23
CA HIS C 42 -34.44 8.52 4.72
C HIS C 42 -34.49 8.48 6.24
N ARG C 43 -33.46 9.02 6.88
CA ARG C 43 -33.43 9.23 8.32
C ARG C 43 -34.38 10.33 8.74
N GLY C 44 -34.39 11.42 7.96
CA GLY C 44 -35.26 12.57 8.21
C GLY C 44 -36.73 12.20 8.16
N THR C 45 -37.12 11.47 7.12
CA THR C 45 -38.50 11.01 6.95
C THR C 45 -38.85 9.92 7.96
N GLY C 46 -37.88 9.08 8.30
CA GLY C 46 -38.07 8.02 9.29
C GLY C 46 -38.44 8.55 10.66
N ILE C 47 -37.73 9.59 11.09
CA ILE C 47 -38.00 10.25 12.38
C ILE C 47 -39.32 11.00 12.35
N ALA C 48 -39.57 11.73 11.26
CA ALA C 48 -40.78 12.53 11.09
C ALA C 48 -42.05 11.69 11.07
N LEU C 49 -41.97 10.52 10.45
CA LEU C 49 -43.09 9.58 10.37
C LEU C 49 -43.40 8.92 11.71
N SER C 50 -42.36 8.57 12.46
CA SER C 50 -42.50 8.01 13.80
C SER C 50 -43.07 9.03 14.78
N ALA C 51 -42.65 10.29 14.63
CA ALA C 51 -43.16 11.39 15.44
C ALA C 51 -44.63 11.68 15.15
N GLY C 52 -45.04 11.42 13.91
CA GLY C 52 -46.43 11.57 13.50
C GLY C 52 -47.31 10.46 14.07
N VAL C 53 -46.80 9.24 14.06
CA VAL C 53 -47.51 8.08 14.60
C VAL C 53 -47.61 8.14 16.12
N SER C 54 -46.51 8.52 16.77
CA SER C 54 -46.46 8.65 18.23
C SER C 54 -47.42 9.73 18.74
N LEU C 55 -47.50 10.84 18.01
CA LEU C 55 -48.42 11.93 18.35
C LEU C 55 -49.87 11.61 18.02
N PHE C 56 -50.09 10.52 17.30
CA PHE C 56 -51.42 10.04 16.98
C PHE C 56 -51.90 9.03 18.04
N GLY C 57 -50.98 8.21 18.53
CA GLY C 57 -51.28 7.22 19.55
C GLY C 57 -51.45 7.82 20.93
N LEU C 58 -50.57 8.76 21.27
CA LEU C 58 -50.61 9.46 22.56
C LEU C 58 -51.80 10.39 22.71
N SER C 59 -52.28 10.92 21.58
CA SER C 59 -53.46 11.78 21.56
C SER C 59 -54.75 10.99 21.77
N ALA C 60 -54.70 9.70 21.45
CA ALA C 60 -55.85 8.80 21.65
C ALA C 60 -56.03 8.43 23.12
N LEU C 61 -54.97 8.62 23.92
CA LEU C 61 -55.00 8.29 25.34
C LEU C 61 -55.06 9.52 26.23
N LEU C 62 -54.29 10.55 25.88
CA LEU C 62 -54.10 11.72 26.74
C LEU C 62 -54.93 12.96 26.36
N LEU C 63 -55.83 12.79 25.38
CA LEU C 63 -56.71 13.89 24.97
C LEU C 63 -58.17 13.47 24.84
N PRO C 64 -59.09 14.29 25.41
CA PRO C 64 -60.52 13.99 25.40
C PRO C 64 -61.18 14.15 24.03
N GLY C 65 -62.33 13.52 23.85
CA GLY C 65 -63.08 13.59 22.59
C GLY C 65 -62.72 12.47 21.63
N ASN C 66 -63.70 12.05 20.83
CA ASN C 66 -63.49 11.02 19.81
C ASN C 66 -62.98 11.60 18.50
N PHE C 67 -62.58 10.72 17.58
CA PHE C 67 -62.01 11.11 16.29
C PHE C 67 -62.98 11.90 15.41
N GLU C 68 -64.27 11.57 15.53
CA GLU C 68 -65.32 12.27 14.77
C GLU C 68 -65.49 13.71 15.21
N SER C 69 -65.28 13.97 16.51
CA SER C 69 -65.34 15.31 17.07
C SER C 69 -64.15 16.16 16.64
N HIS C 70 -63.01 15.51 16.42
CA HIS C 70 -61.79 16.20 15.99
C HIS C 70 -61.86 16.57 14.50
N LEU C 71 -62.56 15.78 13.71
CA LEU C 71 -62.76 16.06 12.28
C LEU C 71 -63.70 17.23 12.07
N GLU C 72 -64.70 17.36 12.94
CA GLU C 72 -65.59 18.52 12.95
C GLU C 72 -64.86 19.75 13.45
N LEU C 73 -63.82 19.51 14.25
CA LEU C 73 -62.94 20.57 14.75
C LEU C 73 -61.93 21.01 13.68
N VAL C 74 -61.59 20.08 12.77
CA VAL C 74 -60.69 20.37 11.65
C VAL C 74 -61.25 21.47 10.75
N LYS C 75 -62.55 21.42 10.50
CA LYS C 75 -63.24 22.43 9.70
C LYS C 75 -63.44 23.72 10.51
N SER C 76 -62.34 24.39 10.84
CA SER C 76 -62.36 25.61 11.63
C SER C 76 -62.15 26.86 10.78
N LEU C 77 -60.91 27.05 10.30
CA LEU C 77 -60.59 28.18 9.44
C LEU C 77 -61.08 27.88 8.03
N CYS C 78 -62.34 28.27 7.77
CA CYS C 78 -63.03 27.99 6.51
C CYS C 78 -63.02 26.49 6.20
N LEU C 79 -62.62 26.13 4.98
CA LEU C 79 -62.45 24.74 4.59
C LEU C 79 -61.08 24.52 3.94
N GLY C 80 -60.42 25.62 3.60
CA GLY C 80 -59.13 25.58 2.91
C GLY C 80 -59.33 25.26 1.44
N PRO C 81 -59.26 26.30 0.58
CA PRO C 81 -59.51 26.15 -0.86
C PRO C 81 -58.60 25.10 -1.50
N THR C 82 -57.29 25.35 -1.50
CA THR C 82 -56.31 24.38 -1.98
C THR C 82 -55.28 24.09 -0.90
N LEU C 83 -55.46 24.71 0.27
CA LEU C 83 -54.59 24.49 1.42
C LEU C 83 -54.84 23.12 2.07
N ILE C 84 -56.03 22.57 1.83
CA ILE C 84 -56.37 21.22 2.27
C ILE C 84 -55.59 20.16 1.47
N TYR C 85 -55.19 20.54 0.25
CA TYR C 85 -54.37 19.68 -0.61
C TYR C 85 -52.90 19.77 -0.20
N THR C 86 -52.49 20.95 0.24
CA THR C 86 -51.10 21.22 0.64
C THR C 86 -50.70 20.44 1.90
N ALA C 87 -51.58 20.47 2.90
CA ALA C 87 -51.37 19.73 4.15
C ALA C 87 -51.47 18.22 3.92
N LYS C 88 -52.28 17.83 2.94
CA LYS C 88 -52.45 16.43 2.55
C LYS C 88 -51.24 15.95 1.75
N PHE C 89 -50.60 16.87 1.04
CA PHE C 89 -49.36 16.59 0.31
C PHE C 89 -48.18 16.51 1.27
N GLY C 90 -48.24 17.30 2.34
CA GLY C 90 -47.18 17.34 3.36
C GLY C 90 -47.13 16.10 4.24
N ILE C 91 -48.22 15.33 4.23
CA ILE C 91 -48.29 14.06 4.97
C ILE C 91 -47.80 12.92 4.09
N VAL C 92 -48.26 12.88 2.84
CA VAL C 92 -47.99 11.78 1.93
C VAL C 92 -46.58 11.82 1.29
N PHE C 93 -45.99 13.01 1.23
CA PHE C 93 -44.68 13.20 0.60
C PHE C 93 -43.52 12.52 1.35
N PRO C 94 -43.39 12.76 2.67
CA PRO C 94 -42.32 12.07 3.42
C PRO C 94 -42.60 10.57 3.58
N LEU C 95 -43.87 10.17 3.49
CA LEU C 95 -44.27 8.78 3.58
C LEU C 95 -43.86 8.01 2.31
N MET C 96 -44.11 8.62 1.16
CA MET C 96 -43.85 7.96 -0.12
C MET C 96 -42.37 7.86 -0.46
N TYR C 97 -41.59 8.89 -0.08
CA TYR C 97 -40.15 8.85 -0.25
C TYR C 97 -39.56 7.66 0.53
N HIS C 98 -39.96 7.54 1.79
CA HIS C 98 -39.48 6.49 2.68
C HIS C 98 -39.90 5.09 2.22
N THR C 99 -41.07 4.99 1.61
CA THR C 99 -41.60 3.72 1.11
C THR C 99 -40.83 3.23 -0.12
N TRP C 100 -40.60 4.12 -1.08
CA TRP C 100 -39.87 3.78 -2.30
C TRP C 100 -38.38 3.59 -2.03
N ASN C 101 -37.81 4.44 -1.19
CA ASN C 101 -36.39 4.35 -0.81
C ASN C 101 -36.11 3.12 0.06
N GLY C 102 -37.12 2.72 0.84
CA GLY C 102 -37.05 1.52 1.67
C GLY C 102 -36.97 0.24 0.87
N ILE C 103 -37.66 0.20 -0.27
CA ILE C 103 -37.59 -0.92 -1.21
C ILE C 103 -36.17 -1.02 -1.79
N ARG C 104 -35.60 0.13 -2.15
CA ARG C 104 -34.23 0.21 -2.66
C ARG C 104 -33.22 -0.33 -1.65
N HIS C 105 -33.44 -0.03 -0.38
CA HIS C 105 -32.65 -0.59 0.71
C HIS C 105 -32.81 -2.11 0.82
N LEU C 106 -34.03 -2.59 0.62
CA LEU C 106 -34.34 -4.02 0.67
C LEU C 106 -33.75 -4.77 -0.52
N ILE C 107 -33.66 -4.11 -1.67
CA ILE C 107 -33.00 -4.66 -2.85
C ILE C 107 -31.49 -4.76 -2.63
N TRP C 108 -30.94 -3.76 -1.92
CA TRP C 108 -29.51 -3.73 -1.59
C TRP C 108 -29.10 -4.87 -0.65
N ASP C 109 -29.97 -5.21 0.29
CA ASP C 109 -29.70 -6.27 1.27
C ASP C 109 -29.69 -7.65 0.63
N LEU C 110 -30.28 -7.76 -0.57
CA LEU C 110 -30.19 -8.97 -1.39
C LEU C 110 -28.87 -9.01 -2.16
N GLY C 111 -28.23 -7.84 -2.29
CA GLY C 111 -26.92 -7.74 -2.94
C GLY C 111 -26.94 -7.06 -4.31
N LYS C 112 -28.14 -6.74 -4.79
CA LYS C 112 -28.32 -6.19 -6.14
C LYS C 112 -28.27 -4.66 -6.18
N GLY C 113 -27.70 -4.14 -7.28
CA GLY C 113 -27.67 -2.70 -7.54
C GLY C 113 -26.72 -1.91 -6.65
N LEU C 114 -25.53 -2.47 -6.40
CA LEU C 114 -24.55 -1.83 -5.52
C LEU C 114 -23.33 -1.28 -6.25
N THR C 115 -23.49 -0.95 -7.52
CA THR C 115 -22.46 -0.25 -8.30
C THR C 115 -22.84 1.22 -8.45
N ILE C 116 -21.84 2.07 -8.65
CA ILE C 116 -22.03 3.52 -8.81
C ILE C 116 -23.01 3.89 -9.94
N PRO C 117 -22.87 3.28 -11.15
CA PRO C 117 -23.83 3.56 -12.21
C PRO C 117 -25.26 3.15 -11.88
N GLN C 118 -25.42 2.01 -11.20
CA GLN C 118 -26.74 1.50 -10.80
C GLN C 118 -27.36 2.34 -9.68
N LEU C 119 -26.51 2.87 -8.80
CA LEU C 119 -26.94 3.62 -7.63
C LEU C 119 -27.53 4.98 -8.00
N THR C 120 -26.89 5.64 -8.96
CA THR C 120 -27.35 6.95 -9.44
C THR C 120 -28.64 6.80 -10.26
N GLN C 121 -28.77 5.67 -10.96
CA GLN C 121 -29.96 5.36 -11.75
C GLN C 121 -31.18 5.11 -10.86
N SER C 122 -31.06 4.11 -9.98
CA SER C 122 -32.15 3.75 -9.07
C SER C 122 -32.47 4.84 -8.05
N GLY C 123 -31.50 5.74 -7.84
CA GLY C 123 -31.70 6.91 -6.99
C GLY C 123 -32.69 7.90 -7.58
N VAL C 124 -32.60 8.09 -8.90
CA VAL C 124 -33.52 8.96 -9.63
C VAL C 124 -34.91 8.29 -9.74
N VAL C 125 -34.91 6.97 -9.93
CA VAL C 125 -36.16 6.20 -9.99
C VAL C 125 -36.99 6.38 -8.71
N VAL C 126 -36.33 6.34 -7.57
CA VAL C 126 -36.96 6.60 -6.26
C VAL C 126 -37.42 8.06 -6.16
N LEU C 127 -36.58 8.98 -6.66
CA LEU C 127 -36.86 10.42 -6.59
C LEU C 127 -38.06 10.83 -7.46
N ILE C 128 -38.19 10.22 -8.64
CA ILE C 128 -39.28 10.51 -9.56
C ILE C 128 -40.59 9.84 -9.13
N LEU C 129 -40.50 8.61 -8.64
CA LEU C 129 -41.67 7.88 -8.14
C LEU C 129 -42.30 8.54 -6.91
N THR C 130 -41.46 9.19 -6.09
CA THR C 130 -41.92 9.92 -4.91
C THR C 130 -42.87 11.06 -5.31
N VAL C 131 -42.51 11.81 -6.35
CA VAL C 131 -43.31 12.95 -6.82
C VAL C 131 -44.63 12.47 -7.44
N LEU C 132 -44.57 11.42 -8.24
CA LEU C 132 -45.74 10.90 -8.95
C LEU C 132 -46.75 10.20 -8.05
N SER C 133 -46.26 9.47 -7.05
CA SER C 133 -47.13 8.76 -6.11
C SER C 133 -47.74 9.69 -5.06
N SER C 134 -47.02 10.76 -4.72
CA SER C 134 -47.50 11.74 -3.75
C SER C 134 -48.60 12.64 -4.32
N VAL C 135 -48.40 13.11 -5.55
CA VAL C 135 -49.40 13.90 -6.26
C VAL C 135 -50.60 13.02 -6.63
N GLY C 136 -50.32 11.76 -6.98
CA GLY C 136 -51.34 10.79 -7.36
C GLY C 136 -52.28 10.38 -6.25
N LEU C 137 -51.79 10.40 -5.01
CA LEU C 137 -52.60 10.02 -3.85
C LEU C 137 -53.23 11.20 -3.11
N ALA C 138 -52.59 12.37 -3.20
CA ALA C 138 -53.09 13.58 -2.56
C ALA C 138 -54.43 14.04 -3.15
N ALA C 139 -54.60 13.81 -4.46
CA ALA C 139 -55.86 14.13 -5.14
C ALA C 139 -56.71 12.86 -5.32
N MET C 140 -57.35 12.45 -4.24
CA MET C 140 -58.18 11.24 -4.25
C MET C 140 -59.34 11.33 -3.26
N SER D 2 -21.26 -18.86 21.66
CA SER D 2 -21.31 -17.79 20.62
C SER D 2 -22.68 -17.73 19.94
N SER D 3 -23.68 -17.30 20.71
CA SER D 3 -25.05 -17.16 20.21
C SER D 3 -25.20 -15.94 19.32
N LYS D 4 -25.70 -16.14 18.10
CA LYS D 4 -25.84 -15.08 17.12
C LYS D 4 -27.13 -14.26 17.31
N ALA D 5 -27.01 -13.15 18.03
CA ALA D 5 -28.16 -12.31 18.39
C ALA D 5 -28.28 -11.08 17.49
N ALA D 6 -27.14 -10.48 17.14
CA ALA D 6 -27.10 -9.28 16.31
C ALA D 6 -27.53 -9.55 14.86
N SER D 7 -27.32 -10.78 14.41
CA SER D 7 -27.71 -11.20 13.06
C SER D 7 -29.22 -11.43 12.94
N LEU D 8 -29.80 -12.06 13.97
CA LEU D 8 -31.24 -12.33 14.01
C LEU D 8 -32.07 -11.05 14.17
N HIS D 9 -31.50 -10.07 14.86
CA HIS D 9 -32.10 -8.74 15.00
C HIS D 9 -32.17 -8.05 13.64
N TRP D 10 -31.08 -8.17 12.88
CA TRP D 10 -30.99 -7.61 11.52
C TRP D 10 -31.99 -8.30 10.58
N THR D 11 -32.10 -9.62 10.72
CA THR D 11 -33.07 -10.41 9.95
C THR D 11 -34.49 -10.01 10.33
N GLY D 12 -34.70 -9.80 11.63
CA GLY D 12 -35.99 -9.36 12.16
C GLY D 12 -36.43 -8.00 11.63
N GLU D 13 -35.45 -7.11 11.42
CA GLU D 13 -35.70 -5.80 10.83
C GLU D 13 -36.20 -5.90 9.40
N ARG D 14 -35.60 -6.81 8.62
CA ARG D 14 -35.94 -6.99 7.20
C ARG D 14 -37.28 -7.71 7.01
N VAL D 15 -37.64 -8.56 7.97
CA VAL D 15 -38.91 -9.30 7.91
C VAL D 15 -40.10 -8.38 8.17
N VAL D 16 -39.97 -7.49 9.15
CA VAL D 16 -41.05 -6.54 9.47
C VAL D 16 -41.14 -5.40 8.46
N SER D 17 -40.06 -5.15 7.73
CA SER D 17 -40.03 -4.15 6.68
C SER D 17 -40.81 -4.59 5.45
N VAL D 18 -40.64 -5.85 5.05
CA VAL D 18 -41.38 -6.42 3.91
C VAL D 18 -42.83 -6.71 4.29
N LEU D 19 -43.09 -6.92 5.58
CA LEU D 19 -44.42 -7.16 6.09
C LEU D 19 -45.26 -5.87 6.03
N LEU D 20 -44.67 -4.77 6.51
CA LEU D 20 -45.30 -3.46 6.50
C LEU D 20 -45.52 -2.95 5.07
N LEU D 21 -44.58 -3.29 4.18
CA LEU D 21 -44.68 -2.97 2.76
C LEU D 21 -45.83 -3.72 2.10
N GLY D 22 -46.08 -4.95 2.56
CA GLY D 22 -47.18 -5.76 2.07
C GLY D 22 -48.52 -5.46 2.73
N LEU D 23 -48.47 -4.82 3.89
CA LEU D 23 -49.67 -4.51 4.67
C LEU D 23 -50.36 -3.21 4.26
N LEU D 24 -49.66 -2.37 3.51
CA LEU D 24 -50.24 -1.12 3.00
C LEU D 24 -51.26 -1.35 1.88
N PRO D 25 -50.94 -2.21 0.89
CA PRO D 25 -51.94 -2.54 -0.12
C PRO D 25 -53.04 -3.45 0.45
N ALA D 26 -52.68 -4.28 1.43
CA ALA D 26 -53.63 -5.17 2.08
C ALA D 26 -54.69 -4.40 2.87
N ALA D 27 -54.30 -3.27 3.43
CA ALA D 27 -55.21 -2.40 4.17
C ALA D 27 -56.13 -1.62 3.22
N TYR D 28 -55.61 -1.25 2.06
CA TYR D 28 -56.38 -0.53 1.05
C TYR D 28 -57.39 -1.44 0.34
N LEU D 29 -56.94 -2.63 -0.03
CA LEU D 29 -57.79 -3.61 -0.71
C LEU D 29 -58.81 -4.24 0.25
N ASN D 30 -58.35 -4.53 1.47
CA ASN D 30 -59.19 -5.12 2.50
C ASN D 30 -59.12 -4.35 3.83
N PRO D 31 -59.97 -3.31 3.98
CA PRO D 31 -60.00 -2.52 5.21
C PRO D 31 -60.99 -3.10 6.23
N CYS D 32 -60.47 -3.72 7.28
CA CYS D 32 -61.29 -4.34 8.32
C CYS D 32 -60.69 -4.15 9.71
N SER D 33 -61.43 -4.55 10.73
CA SER D 33 -60.99 -4.47 12.12
C SER D 33 -59.80 -5.41 12.40
N ALA D 34 -59.76 -6.53 11.69
CA ALA D 34 -58.68 -7.51 11.83
C ALA D 34 -57.37 -7.01 11.24
N MET D 35 -57.47 -6.18 10.20
CA MET D 35 -56.30 -5.59 9.54
C MET D 35 -55.72 -4.44 10.39
N ASP D 36 -56.57 -3.80 11.19
CA ASP D 36 -56.18 -2.66 12.02
C ASP D 36 -55.09 -2.99 13.04
N TYR D 37 -55.24 -4.11 13.74
CA TYR D 37 -54.29 -4.51 14.78
C TYR D 37 -52.96 -4.97 14.20
N SER D 38 -53.02 -5.72 13.09
CA SER D 38 -51.83 -6.21 12.40
C SER D 38 -50.97 -5.08 11.85
N LEU D 39 -51.63 -4.03 11.36
CA LEU D 39 -50.94 -2.83 10.88
C LEU D 39 -50.37 -2.02 12.05
N ALA D 40 -51.11 -2.00 13.16
CA ALA D 40 -50.67 -1.31 14.37
C ALA D 40 -49.46 -2.00 15.00
N ALA D 41 -49.45 -3.33 14.95
CA ALA D 41 -48.35 -4.13 15.49
C ALA D 41 -47.05 -3.95 14.70
N ALA D 42 -47.15 -3.99 13.38
CA ALA D 42 -45.99 -3.86 12.50
C ALA D 42 -45.45 -2.44 12.46
N LEU D 43 -46.34 -1.45 12.55
CA LEU D 43 -45.97 -0.04 12.47
C LEU D 43 -45.18 0.41 13.70
N THR D 44 -45.61 -0.04 14.88
CA THR D 44 -44.96 0.33 16.14
C THR D 44 -43.67 -0.45 16.38
N LEU D 45 -43.60 -1.66 15.83
CA LEU D 45 -42.42 -2.51 15.98
C LEU D 45 -41.28 -1.99 15.10
N HIS D 46 -41.58 -1.79 13.81
CA HIS D 46 -40.61 -1.28 12.84
C HIS D 46 -40.10 0.11 13.22
N GLY D 47 -41.00 0.94 13.77
CA GLY D 47 -40.66 2.28 14.23
C GLY D 47 -39.70 2.26 15.42
N HIS D 48 -39.99 1.38 16.39
CA HIS D 48 -39.17 1.23 17.59
C HIS D 48 -37.76 0.75 17.27
N TRP D 49 -37.65 -0.21 16.34
CA TRP D 49 -36.34 -0.72 15.92
C TRP D 49 -35.60 0.27 15.04
N GLY D 50 -36.34 1.15 14.37
CA GLY D 50 -35.77 2.21 13.54
C GLY D 50 -35.05 3.27 14.37
N ILE D 51 -35.74 3.78 15.39
CA ILE D 51 -35.18 4.76 16.31
C ILE D 51 -34.01 4.16 17.09
N GLY D 52 -34.12 2.87 17.42
CA GLY D 52 -33.06 2.12 18.10
C GLY D 52 -31.71 2.18 17.40
N GLN D 53 -31.76 2.32 16.08
CA GLN D 53 -30.54 2.47 15.27
C GLN D 53 -30.01 3.90 15.33
N VAL D 54 -30.93 4.87 15.39
CA VAL D 54 -30.58 6.28 15.52
C VAL D 54 -29.94 6.55 16.88
N VAL D 55 -30.50 5.91 17.91
CA VAL D 55 -29.98 6.03 19.28
C VAL D 55 -28.56 5.45 19.38
N THR D 56 -28.36 4.25 18.84
CA THR D 56 -27.06 3.57 18.90
C THR D 56 -25.98 4.20 18.01
N ASP D 57 -26.37 5.20 17.22
CA ASP D 57 -25.44 5.89 16.33
C ASP D 57 -24.96 7.25 16.88
N TYR D 58 -25.86 7.99 17.52
CA TYR D 58 -25.55 9.35 17.97
C TYR D 58 -25.34 9.47 19.49
N VAL D 59 -26.13 8.74 20.27
CA VAL D 59 -26.02 8.79 21.74
C VAL D 59 -24.73 8.13 22.20
N ARG D 60 -23.72 8.95 22.44
CA ARG D 60 -22.39 8.48 22.81
C ARG D 60 -22.26 8.26 24.32
N GLY D 61 -21.58 7.18 24.70
CA GLY D 61 -21.35 6.87 26.10
C GLY D 61 -22.49 6.11 26.76
N ASP D 62 -22.15 5.31 27.76
CA ASP D 62 -23.11 4.49 28.49
C ASP D 62 -24.01 5.31 29.43
N ALA D 63 -23.50 6.47 29.84
CA ALA D 63 -24.20 7.35 30.79
C ALA D 63 -25.59 7.80 30.34
N LEU D 64 -25.72 8.08 29.05
CA LEU D 64 -26.98 8.57 28.48
C LEU D 64 -27.70 7.52 27.63
N GLN D 65 -26.99 6.48 27.23
CA GLN D 65 -27.51 5.44 26.35
C GLN D 65 -28.56 4.54 27.04
N LYS D 66 -28.36 4.30 28.33
CA LYS D 66 -29.26 3.47 29.13
C LYS D 66 -30.64 4.09 29.25
N ALA D 67 -30.68 5.41 29.49
CA ALA D 67 -31.93 6.16 29.63
C ALA D 67 -32.64 6.36 28.30
N ALA D 68 -31.85 6.43 27.22
CA ALA D 68 -32.39 6.65 25.87
C ALA D 68 -33.17 5.44 25.34
N LYS D 69 -32.62 4.24 25.57
CA LYS D 69 -33.28 3.00 25.16
C LYS D 69 -34.51 2.70 26.01
N ALA D 70 -34.43 3.02 27.31
CA ALA D 70 -35.55 2.85 28.23
C ALA D 70 -36.64 3.90 27.98
N GLY D 71 -36.22 5.12 27.68
CA GLY D 71 -37.14 6.22 27.38
C GLY D 71 -37.86 6.03 26.06
N LEU D 72 -37.21 5.36 25.12
CA LEU D 72 -37.82 5.00 23.84
C LEU D 72 -38.82 3.87 24.01
N LEU D 73 -38.45 2.86 24.81
CA LEU D 73 -39.29 1.70 25.06
C LEU D 73 -40.64 2.08 25.69
N ALA D 74 -40.60 3.08 26.58
CA ALA D 74 -41.81 3.60 27.21
C ALA D 74 -42.72 4.29 26.18
N LEU D 75 -42.10 5.02 25.26
CA LEU D 75 -42.83 5.72 24.19
C LEU D 75 -43.45 4.72 23.20
N SER D 76 -42.72 3.65 22.91
CA SER D 76 -43.17 2.62 21.97
C SER D 76 -44.34 1.81 22.50
N ALA D 77 -44.33 1.53 23.80
CA ALA D 77 -45.41 0.81 24.47
C ALA D 77 -46.66 1.68 24.54
N PHE D 78 -46.47 2.98 24.81
CA PHE D 78 -47.55 3.96 24.83
C PHE D 78 -48.19 4.15 23.46
N THR D 79 -47.36 4.12 22.41
CA THR D 79 -47.82 4.27 21.04
C THR D 79 -48.64 3.06 20.58
N PHE D 80 -48.18 1.86 20.93
CA PHE D 80 -48.88 0.62 20.58
C PHE D 80 -50.21 0.49 21.34
N ALA D 81 -50.20 0.86 22.62
CA ALA D 81 -51.41 0.84 23.44
C ALA D 81 -52.43 1.87 22.98
N GLY D 82 -51.93 3.01 22.49
CA GLY D 82 -52.77 4.08 21.96
C GLY D 82 -53.51 3.68 20.71
N LEU D 83 -52.84 2.91 19.85
CA LEU D 83 -53.44 2.41 18.61
C LEU D 83 -54.46 1.31 18.86
N CYS D 84 -54.16 0.42 19.80
CA CYS D 84 -55.06 -0.67 20.18
C CYS D 84 -56.34 -0.16 20.84
N TYR D 85 -56.22 0.95 21.58
CA TYR D 85 -57.37 1.63 22.15
C TYR D 85 -58.20 2.30 21.05
N PHE D 86 -57.50 2.85 20.06
CA PHE D 86 -58.13 3.52 18.92
C PHE D 86 -58.89 2.54 18.02
N ASN D 87 -58.34 1.33 17.87
CA ASN D 87 -58.93 0.30 17.03
C ASN D 87 -60.15 -0.38 17.66
N TYR D 88 -60.10 -0.59 18.97
CA TYR D 88 -61.15 -1.31 19.70
C TYR D 88 -62.32 -0.40 20.07
N HIS D 89 -62.03 0.80 20.55
CA HIS D 89 -63.05 1.73 21.04
C HIS D 89 -63.52 2.75 20.01
N ASP D 90 -62.57 3.42 19.37
CA ASP D 90 -62.89 4.49 18.42
C ASP D 90 -63.08 3.97 17.00
N VAL D 91 -62.75 4.81 16.01
CA VAL D 91 -63.02 4.54 14.59
C VAL D 91 -62.19 3.37 14.04
N GLY D 92 -60.88 3.43 14.26
CA GLY D 92 -59.95 2.43 13.70
C GLY D 92 -59.10 3.06 12.61
N ILE D 93 -57.82 2.72 12.61
CA ILE D 93 -56.83 3.39 11.75
C ILE D 93 -57.06 3.25 10.24
N CYS D 94 -57.79 2.22 9.82
CA CYS D 94 -58.17 2.06 8.42
C CYS D 94 -59.22 3.09 8.01
N LYS D 95 -60.30 3.15 8.78
CA LYS D 95 -61.42 4.06 8.50
C LYS D 95 -61.07 5.52 8.87
N ALA D 96 -60.10 5.69 9.77
CA ALA D 96 -59.65 7.02 10.19
C ALA D 96 -59.01 7.80 9.04
N VAL D 97 -58.20 7.12 8.24
CA VAL D 97 -57.57 7.71 7.06
C VAL D 97 -58.64 7.96 5.99
N ALA D 98 -59.57 7.00 5.86
CA ALA D 98 -60.66 7.08 4.89
C ALA D 98 -61.54 8.32 5.10
N MET D 99 -61.80 8.67 6.35
CA MET D 99 -62.59 9.84 6.70
C MET D 99 -61.78 11.13 6.53
N LEU D 100 -60.49 11.05 6.88
CA LEU D 100 -59.59 12.21 6.83
C LEU D 100 -59.31 12.66 5.40
N TRP D 101 -59.21 11.70 4.48
CA TRP D 101 -58.82 11.98 3.11
C TRP D 101 -59.95 12.64 2.30
N LYS D 102 -61.17 12.12 2.42
CA LYS D 102 -62.32 12.75 1.76
C LYS D 102 -62.92 13.85 2.64
N LEU D 103 -62.26 14.99 2.66
CA LEU D 103 -62.67 16.13 3.48
C LEU D 103 -62.93 17.37 2.62
#